data_4OHP
#
_entry.id   4OHP
#
_cell.length_a   148.971
_cell.length_b   148.971
_cell.length_c   132.186
_cell.angle_alpha   90.00
_cell.angle_beta   90.00
_cell.angle_gamma   120.00
#
_symmetry.space_group_name_H-M   'P 65'
#
loop_
_entity.id
_entity.type
_entity.pdbx_description
1 polymer 'Glucokinase regulatory protein'
2 non-polymer 4-[(2S)-4-[(6-aminopyridin-3-yl)sulfonyl]-2-(prop-1-yn-1-yl)piperazin-1-yl]-N-methylbenzenesulfonamide
3 non-polymer D-SORBITOL-6-PHOSPHATE
4 non-polymer 'IODIDE ION'
5 non-polymer GLYCEROL
6 non-polymer 'SULFATE ION'
7 water water
#
_entity_poly.entity_id   1
_entity_poly.type   'polypeptide(L)'
_entity_poly.pdbx_seq_one_letter_code
;MAHHHHHHDEVDMPGTKRFQHVIETPEPGKWELSGYEAAVPITEKSNPLTQDLDKADAENIVRLLGQCDAEIFQEEGQAL
STYQRLYSESILTTMVQVAGKVQEVLKEPDGGLVVLSGGGTSGRMAFLMSVSFNQLMKGLGQKPLYTYLIAGGDRSVVAS
REGTEDSALHGIEELKKVAAGKKRVIVIGISVGLSAPFVAGQMDCCMNNTAVFLPVLVGFNPVSMARNDPIEDWSSTFRQ
VAERMQKMQEKQKAFVLNPAIGPEGLSGSSRMKGGSATKILLETLLLAAHKTVDQGIAASQRCLLEILRTFERAHQVTYS
QSPKIATLMKSVSTSLEKKGHVYLVGWQTLGIIAIMDGVECIHTFGADFRDVRGFLIGDHSDMFNQKAELTNQGPQFTFS
QEDFLTSILPSLTEIDTVVFIFTLDDNLTEVQTIVEQVKEKTNHIQALAHSTVGQTLPIPLKKLFPSIISITWPLLFFEY
EGNFIQKFQRELSTKWVLNTVSTGAHVLLGKILQNHMLDLRISNSKLFWRALAMLQRFSGQSKARCIESLLRAIHFPQPL
SDDIRAAPISCHVQVAHEKEQVIPIALLSLLFRCSITEAQAHLAAAPSVCEAVRSALAGPGQKRTADPLEILEPDVQG
;
_entity_poly.pdbx_strand_id   A,B
#
# COMPACT_ATOMS: atom_id res chain seq x y z
N MET A 13 1.44 22.71 -1.01
CA MET A 13 1.13 23.69 0.07
C MET A 13 0.82 22.91 1.36
N PRO A 14 1.00 23.56 2.54
CA PRO A 14 0.68 22.88 3.81
C PRO A 14 -0.78 22.38 3.94
N GLY A 15 -0.93 21.10 4.24
CA GLY A 15 -2.25 20.46 4.24
C GLY A 15 -2.64 19.73 2.96
N THR A 16 -2.10 20.15 1.82
CA THR A 16 -2.40 19.50 0.54
C THR A 16 -2.27 17.97 0.59
N LYS A 17 -1.24 17.48 1.26
CA LYS A 17 -1.08 16.01 1.37
C LYS A 17 -2.26 15.35 2.08
N ARG A 18 -2.81 16.05 3.06
CA ARG A 18 -3.78 15.48 3.97
C ARG A 18 -5.18 15.60 3.38
N PHE A 19 -5.45 16.67 2.60
CA PHE A 19 -6.84 17.00 2.18
C PHE A 19 -7.07 16.91 0.70
N GLN A 20 -6.02 16.59 -0.04
CA GLN A 20 -6.04 16.48 -1.51
C GLN A 20 -7.18 15.60 -1.98
N HIS A 21 -7.36 14.47 -1.29
CA HIS A 21 -8.36 13.48 -1.69
C HIS A 21 -9.83 13.92 -1.55
N VAL A 22 -10.08 14.96 -0.75
CA VAL A 22 -11.43 15.33 -0.37
C VAL A 22 -12.15 15.89 -1.58
N ILE A 23 -13.37 15.45 -1.87
CA ILE A 23 -14.06 16.02 -3.01
C ILE A 23 -14.60 17.45 -2.72
N GLU A 24 -14.38 18.38 -3.68
CA GLU A 24 -14.82 19.76 -3.53
C GLU A 24 -16.30 19.82 -3.32
N THR A 25 -16.72 20.85 -2.60
CA THR A 25 -18.13 21.12 -2.47
C THR A 25 -18.67 21.53 -3.82
N PRO A 26 -19.78 20.93 -4.22
CA PRO A 26 -20.39 21.38 -5.47
C PRO A 26 -21.14 22.72 -5.31
N GLU A 27 -21.29 23.44 -6.43
CA GLU A 27 -22.11 24.66 -6.52
C GLU A 27 -23.54 24.30 -6.18
N PRO A 28 -24.33 25.28 -5.70
CA PRO A 28 -25.71 24.90 -5.33
C PRO A 28 -26.43 24.37 -6.57
N GLY A 29 -27.13 23.23 -6.44
CA GLY A 29 -27.86 22.66 -7.57
C GLY A 29 -27.16 21.52 -8.29
N LYS A 30 -25.83 21.45 -8.22
CA LYS A 30 -25.09 20.40 -8.97
C LYS A 30 -24.51 19.22 -8.12
N TRP A 31 -25.05 19.02 -6.92
CA TRP A 31 -24.62 17.93 -6.04
C TRP A 31 -24.69 16.58 -6.74
N GLU A 32 -25.74 16.38 -7.54
CA GLU A 32 -25.90 15.20 -8.39
C GLU A 32 -24.99 15.25 -9.64
N LEU A 33 -25.04 16.37 -10.35
CA LEU A 33 -24.37 16.47 -11.64
C LEU A 33 -22.85 16.69 -11.56
N SER A 34 -22.36 17.11 -10.42
CA SER A 34 -20.91 17.13 -10.21
C SER A 34 -20.37 15.71 -10.06
N GLY A 35 -21.29 14.73 -9.99
CA GLY A 35 -20.94 13.35 -9.64
C GLY A 35 -20.62 13.17 -8.15
N TYR A 36 -21.00 14.13 -7.31
CA TYR A 36 -20.60 14.10 -5.90
C TYR A 36 -21.38 13.01 -5.17
N GLU A 37 -22.71 13.05 -5.28
CA GLU A 37 -23.59 12.05 -4.61
C GLU A 37 -23.19 10.63 -4.96
N ALA A 38 -22.86 10.37 -6.21
CA ALA A 38 -22.54 8.99 -6.64
C ALA A 38 -21.25 8.44 -6.03
N ALA A 39 -20.38 9.32 -5.58
CA ALA A 39 -19.15 8.90 -4.93
C ALA A 39 -19.24 8.86 -3.38
N VAL A 40 -20.36 9.25 -2.79
CA VAL A 40 -20.53 9.07 -1.35
C VAL A 40 -20.72 7.59 -1.09
N PRO A 41 -19.81 6.99 -0.30
CA PRO A 41 -20.03 5.59 0.04
C PRO A 41 -21.43 5.29 0.54
N ILE A 42 -21.95 4.09 0.24
CA ILE A 42 -23.37 3.84 0.60
C ILE A 42 -23.50 3.96 2.09
N THR A 43 -22.43 3.61 2.83
CA THR A 43 -22.48 3.50 4.27
C THR A 43 -22.53 4.89 4.93
N GLU A 44 -22.11 5.91 4.19
CA GLU A 44 -22.19 7.28 4.65
C GLU A 44 -23.36 8.04 4.10
N LYS A 45 -24.09 7.50 3.14
CA LYS A 45 -25.13 8.27 2.47
C LYS A 45 -26.28 8.67 3.38
N SER A 46 -26.88 9.79 3.01
CA SER A 46 -28.18 10.20 3.49
C SER A 46 -29.20 9.24 2.88
N ASN A 47 -29.93 8.52 3.70
CA ASN A 47 -31.01 7.70 3.18
C ASN A 47 -32.20 8.59 2.79
N PRO A 48 -32.64 8.59 1.52
CA PRO A 48 -33.82 9.44 1.12
C PRO A 48 -35.14 9.18 1.94
N LEU A 49 -35.38 7.94 2.33
CA LEU A 49 -36.46 7.66 3.25
C LEU A 49 -36.44 8.51 4.55
N THR A 50 -35.27 9.01 4.94
CA THR A 50 -35.16 9.63 6.24
C THR A 50 -34.76 11.07 6.18
N GLN A 51 -35.03 11.71 5.04
CA GLN A 51 -34.75 13.16 4.82
C GLN A 51 -35.37 14.03 5.89
N ASP A 52 -36.56 13.63 6.34
CA ASP A 52 -37.31 14.40 7.32
C ASP A 52 -37.48 13.64 8.64
N LEU A 53 -36.47 12.88 9.00
CA LEU A 53 -36.55 12.10 10.21
C LEU A 53 -36.66 12.96 11.45
N ASP A 54 -36.06 14.15 11.39
CA ASP A 54 -36.04 15.07 12.52
C ASP A 54 -37.45 15.69 12.73
N LYS A 55 -38.31 15.58 11.72
CA LYS A 55 -39.70 16.00 11.84
C LYS A 55 -40.64 14.83 12.18
N ALA A 56 -40.24 13.60 11.92
CA ALA A 56 -41.13 12.51 12.16
C ALA A 56 -41.50 12.34 13.64
N ASP A 57 -42.74 11.89 13.89
CA ASP A 57 -43.18 11.50 15.25
C ASP A 57 -42.72 10.08 15.60
N ALA A 58 -43.05 9.60 16.79
CA ALA A 58 -42.52 8.30 17.18
C ALA A 58 -42.93 7.17 16.24
N GLU A 59 -44.17 7.23 15.76
CA GLU A 59 -44.77 6.14 14.96
C GLU A 59 -44.14 6.09 13.55
N ASN A 60 -44.01 7.24 12.90
CA ASN A 60 -43.22 7.39 11.69
C ASN A 60 -41.74 6.97 11.78
N ILE A 61 -41.07 7.42 12.84
CA ILE A 61 -39.71 7.02 13.12
C ILE A 61 -39.64 5.52 13.08
N VAL A 62 -40.52 4.81 13.79
CA VAL A 62 -40.52 3.32 13.76
C VAL A 62 -40.80 2.80 12.35
N ARG A 63 -41.68 3.48 11.66
CA ARG A 63 -41.99 3.06 10.31
C ARG A 63 -40.75 3.24 9.40
N LEU A 64 -40.16 4.43 9.42
CA LEU A 64 -39.02 4.74 8.56
C LEU A 64 -37.77 3.90 8.83
N LEU A 65 -37.47 3.58 10.08
CA LEU A 65 -36.36 2.64 10.36
C LEU A 65 -36.69 1.17 10.01
N GLY A 66 -37.96 0.81 10.14
CA GLY A 66 -38.44 -0.52 9.75
C GLY A 66 -38.24 -0.66 8.26
N GLN A 67 -38.50 0.41 7.55
CA GLN A 67 -38.32 0.40 6.13
C GLN A 67 -36.81 0.31 5.79
N CYS A 68 -35.99 1.16 6.42
CA CYS A 68 -34.54 1.18 6.20
C CYS A 68 -33.94 -0.19 6.44
N ASP A 69 -34.33 -0.84 7.55
CA ASP A 69 -33.92 -2.23 7.87
C ASP A 69 -34.38 -3.24 6.86
N ALA A 70 -35.55 -3.06 6.30
CA ALA A 70 -36.06 -3.94 5.22
C ALA A 70 -35.11 -3.92 4.03
N GLU A 71 -34.39 -2.81 3.81
CA GLU A 71 -33.56 -2.71 2.60
C GLU A 71 -32.45 -3.75 2.62
N ILE A 72 -32.22 -4.37 3.75
CA ILE A 72 -31.23 -5.41 3.80
C ILE A 72 -31.60 -6.58 2.90
N PHE A 73 -32.89 -6.89 2.85
CA PHE A 73 -33.39 -8.08 2.15
C PHE A 73 -33.95 -7.75 0.73
N GLN A 74 -33.90 -6.50 0.35
CA GLN A 74 -34.28 -6.08 -0.97
C GLN A 74 -33.27 -6.58 -2.03
N GLU A 75 -33.81 -7.00 -3.17
CA GLU A 75 -33.06 -7.60 -4.25
C GLU A 75 -32.54 -6.56 -5.24
N GLU A 76 -31.54 -7.01 -6.00
CA GLU A 76 -30.91 -6.23 -7.07
C GLU A 76 -31.91 -5.82 -8.16
N GLY A 77 -31.98 -4.52 -8.44
CA GLY A 77 -32.61 -4.01 -9.67
C GLY A 77 -31.83 -4.42 -10.93
N GLN A 78 -32.42 -4.15 -12.10
CA GLN A 78 -31.83 -4.51 -13.42
C GLN A 78 -30.84 -3.47 -13.95
N SER A 81 -27.82 -1.77 -14.37
CA SER A 81 -26.62 -1.03 -13.96
C SER A 81 -26.66 -0.62 -12.46
N THR A 82 -26.10 -1.47 -11.61
CA THR A 82 -26.43 -1.45 -10.17
C THR A 82 -25.62 -2.41 -9.30
N TYR A 83 -25.69 -2.19 -7.99
CA TYR A 83 -24.79 -2.89 -7.04
C TYR A 83 -25.36 -4.23 -6.49
N GLN A 84 -24.54 -5.28 -6.47
CA GLN A 84 -24.92 -6.58 -5.87
C GLN A 84 -25.44 -6.42 -4.41
N ARG A 85 -26.44 -7.24 -4.05
CA ARG A 85 -27.09 -7.26 -2.74
C ARG A 85 -27.09 -8.67 -2.04
N LEU A 86 -27.74 -8.79 -0.91
CA LEU A 86 -27.55 -9.99 -0.12
C LEU A 86 -28.02 -11.23 -0.91
N TYR A 87 -29.12 -11.06 -1.65
CA TYR A 87 -29.72 -12.12 -2.44
C TYR A 87 -29.14 -12.31 -3.85
N SER A 88 -28.13 -11.53 -4.23
CA SER A 88 -27.65 -11.60 -5.59
C SER A 88 -26.80 -12.87 -5.65
N GLU A 89 -26.77 -13.47 -6.84
CA GLU A 89 -26.12 -14.73 -7.09
C GLU A 89 -24.60 -14.67 -6.78
N SER A 90 -23.96 -13.56 -7.12
CA SER A 90 -22.53 -13.38 -6.87
C SER A 90 -22.26 -13.48 -5.37
N ILE A 91 -23.13 -12.86 -4.58
CA ILE A 91 -22.97 -12.86 -3.13
C ILE A 91 -23.24 -14.21 -2.50
N LEU A 92 -24.34 -14.87 -2.87
CA LEU A 92 -24.66 -16.18 -2.29
C LEU A 92 -23.62 -17.20 -2.64
N THR A 93 -23.18 -17.21 -3.89
CA THR A 93 -22.00 -18.01 -4.35
C THR A 93 -20.74 -17.78 -3.55
N THR A 94 -20.49 -16.53 -3.19
CA THR A 94 -19.37 -16.25 -2.29
C THR A 94 -19.62 -16.82 -0.89
N MET A 95 -20.83 -16.69 -0.39
CA MET A 95 -21.12 -17.26 0.91
C MET A 95 -20.90 -18.79 0.93
N VAL A 96 -21.27 -19.45 -0.17
CA VAL A 96 -21.11 -20.91 -0.30
C VAL A 96 -19.64 -21.27 -0.27
N GLN A 97 -18.85 -20.67 -1.16
CA GLN A 97 -17.42 -20.91 -1.19
C GLN A 97 -16.77 -20.72 0.20
N VAL A 98 -17.07 -19.62 0.88
CA VAL A 98 -16.55 -19.37 2.25
C VAL A 98 -17.01 -20.49 3.20
N ALA A 99 -18.29 -20.79 3.25
CA ALA A 99 -18.78 -21.94 4.05
C ALA A 99 -17.87 -23.17 3.85
N GLY A 100 -17.58 -23.43 2.58
CA GLY A 100 -16.68 -24.49 2.20
C GLY A 100 -15.34 -24.40 2.91
N LYS A 101 -14.70 -23.24 2.89
CA LYS A 101 -13.36 -23.10 3.51
C LYS A 101 -13.48 -23.21 5.01
N VAL A 102 -14.60 -22.77 5.58
CA VAL A 102 -14.86 -23.04 6.99
C VAL A 102 -14.91 -24.56 7.21
N GLN A 103 -15.58 -25.31 6.31
CA GLN A 103 -15.58 -26.76 6.42
C GLN A 103 -14.17 -27.34 6.47
N GLU A 104 -13.29 -26.95 5.55
CA GLU A 104 -11.93 -27.51 5.57
C GLU A 104 -11.32 -27.55 6.97
N VAL A 105 -11.52 -26.45 7.69
CA VAL A 105 -10.91 -26.21 8.99
C VAL A 105 -11.66 -26.97 10.05
N LEU A 106 -12.97 -27.06 9.88
CA LEU A 106 -13.79 -27.94 10.73
C LEU A 106 -13.40 -29.45 10.65
N LYS A 107 -12.90 -29.90 9.50
CA LYS A 107 -12.44 -31.27 9.33
C LYS A 107 -11.10 -31.53 9.98
N GLU A 108 -10.40 -30.46 10.35
CA GLU A 108 -9.02 -30.56 10.78
C GLU A 108 -8.79 -29.56 11.92
N PRO A 109 -9.53 -29.73 13.04
CA PRO A 109 -9.49 -28.79 14.15
C PRO A 109 -8.13 -28.59 14.83
N ASP A 110 -7.18 -29.50 14.61
CA ASP A 110 -5.85 -29.38 15.21
C ASP A 110 -5.00 -28.36 14.46
N GLY A 111 -4.76 -27.23 15.12
CA GLY A 111 -4.00 -26.14 14.51
C GLY A 111 -4.84 -25.25 13.60
N GLY A 112 -6.16 -25.41 13.68
CA GLY A 112 -7.13 -24.63 12.92
C GLY A 112 -7.66 -23.54 13.82
N LEU A 113 -8.05 -22.39 13.24
CA LEU A 113 -8.66 -21.29 14.00
C LEU A 113 -9.54 -20.44 13.07
N VAL A 114 -10.60 -19.85 13.61
CA VAL A 114 -11.45 -18.94 12.84
C VAL A 114 -11.65 -17.64 13.63
N VAL A 115 -11.04 -16.54 13.16
CA VAL A 115 -11.14 -15.24 13.85
C VAL A 115 -12.16 -14.31 13.22
N LEU A 116 -13.01 -13.72 14.04
CA LEU A 116 -13.96 -12.73 13.60
C LEU A 116 -13.51 -11.38 14.19
N SER A 117 -13.28 -10.38 13.32
CA SER A 117 -12.61 -9.15 13.76
C SER A 117 -13.18 -7.82 13.26
N GLY A 118 -13.17 -6.81 14.08
CA GLY A 118 -13.77 -5.57 13.71
C GLY A 118 -13.55 -4.56 14.79
N GLY A 119 -13.80 -3.29 14.45
CA GLY A 119 -13.76 -2.20 15.41
C GLY A 119 -15.18 -1.91 15.82
N GLY A 120 -15.36 -1.36 17.03
CA GLY A 120 -16.66 -0.86 17.45
C GLY A 120 -17.76 -1.92 17.35
N THR A 121 -18.88 -1.53 16.74
CA THR A 121 -19.98 -2.48 16.58
C THR A 121 -19.66 -3.68 15.74
N SER A 122 -18.73 -3.58 14.81
CA SER A 122 -18.35 -4.78 14.08
C SER A 122 -17.67 -5.71 15.03
N GLY A 123 -16.92 -5.14 15.98
CA GLY A 123 -16.16 -5.92 16.95
C GLY A 123 -17.10 -6.57 17.97
N ARG A 124 -18.09 -5.81 18.44
CA ARG A 124 -19.11 -6.32 19.29
C ARG A 124 -19.85 -7.53 18.65
N MET A 125 -20.31 -7.36 17.42
CA MET A 125 -20.99 -8.45 16.70
C MET A 125 -20.11 -9.68 16.59
N ALA A 126 -18.82 -9.45 16.32
CA ALA A 126 -17.85 -10.53 16.22
C ALA A 126 -17.79 -11.44 17.49
N PHE A 127 -17.96 -10.79 18.64
CA PHE A 127 -17.84 -11.41 19.95
C PHE A 127 -19.02 -12.37 20.14
N LEU A 128 -20.23 -11.81 20.06
CA LEU A 128 -21.45 -12.60 20.04
C LEU A 128 -21.33 -13.85 19.19
N MET A 129 -21.03 -13.68 17.91
CA MET A 129 -20.95 -14.81 16.99
C MET A 129 -19.87 -15.81 17.39
N SER A 130 -18.72 -15.37 17.89
CA SER A 130 -17.65 -16.32 18.23
C SER A 130 -18.10 -17.20 19.41
N VAL A 131 -18.87 -16.60 20.31
CA VAL A 131 -19.44 -17.28 21.46
C VAL A 131 -20.47 -18.35 20.99
N SER A 132 -21.57 -17.88 20.41
CA SER A 132 -22.56 -18.76 19.76
C SER A 132 -21.95 -19.94 19.05
N PHE A 133 -21.02 -19.73 18.14
CA PHE A 133 -20.52 -20.87 17.39
C PHE A 133 -19.57 -21.73 18.21
N ASN A 134 -18.97 -21.15 19.26
CA ASN A 134 -18.15 -21.92 20.20
C ASN A 134 -19.06 -22.78 21.06
N GLN A 135 -20.16 -22.20 21.53
CA GLN A 135 -21.21 -22.96 22.20
C GLN A 135 -21.52 -24.19 21.33
N LEU A 136 -21.96 -23.91 20.11
CA LEU A 136 -22.36 -24.97 19.19
C LEU A 136 -21.42 -26.17 19.18
N MET A 137 -20.12 -25.91 19.09
CA MET A 137 -19.17 -27.03 19.00
C MET A 137 -18.97 -27.72 20.35
N LYS A 138 -19.29 -27.01 21.43
CA LYS A 138 -19.31 -27.56 22.78
C LYS A 138 -20.45 -28.57 22.95
N GLY A 139 -21.69 -28.10 22.79
CA GLY A 139 -22.85 -28.97 22.81
C GLY A 139 -22.69 -30.20 21.92
N LEU A 140 -21.75 -30.14 20.97
CA LEU A 140 -21.33 -31.32 20.21
C LEU A 140 -20.03 -31.99 20.73
N GLY A 141 -19.43 -31.45 21.79
CA GLY A 141 -18.16 -31.97 22.32
C GLY A 141 -16.97 -31.91 21.38
N GLN A 142 -16.88 -30.82 20.61
CA GLN A 142 -15.68 -30.48 19.85
C GLN A 142 -14.97 -29.29 20.52
N LYS A 143 -13.66 -29.20 20.28
CA LYS A 143 -12.92 -28.03 20.76
C LYS A 143 -13.44 -26.78 20.01
N PRO A 144 -13.69 -25.70 20.77
CA PRO A 144 -14.01 -24.38 20.20
C PRO A 144 -12.92 -23.90 19.20
N LEU A 145 -13.31 -23.55 17.98
CA LEU A 145 -12.33 -23.07 16.99
C LEU A 145 -12.46 -21.57 16.68
N TYR A 146 -13.42 -20.91 17.31
CA TYR A 146 -13.71 -19.53 17.04
C TYR A 146 -13.11 -18.62 18.08
N THR A 147 -12.62 -17.49 17.60
CA THR A 147 -12.32 -16.41 18.52
C THR A 147 -12.60 -15.06 17.88
N TYR A 148 -12.61 -14.01 18.68
CA TYR A 148 -12.89 -12.68 18.16
C TYR A 148 -11.66 -11.78 18.35
N LEU A 149 -11.74 -10.54 17.85
CA LEU A 149 -10.66 -9.51 17.95
C LEU A 149 -11.35 -8.19 17.79
N ILE A 150 -11.23 -7.32 18.78
CA ILE A 150 -11.90 -6.04 18.71
C ILE A 150 -10.92 -4.89 18.92
N ALA A 151 -11.10 -3.81 18.15
CA ALA A 151 -10.24 -2.65 18.27
C ALA A 151 -10.27 -2.27 19.70
N GLY A 152 -9.09 -2.44 20.31
CA GLY A 152 -8.71 -1.92 21.61
C GLY A 152 -8.69 -3.01 22.70
N GLY A 153 -8.56 -4.28 22.34
CA GLY A 153 -8.81 -5.42 23.25
C GLY A 153 -10.22 -5.65 23.82
N ASP A 154 -10.34 -6.71 24.62
CA ASP A 154 -11.63 -7.23 25.11
C ASP A 154 -12.48 -6.18 25.78
N ARG A 155 -11.86 -5.31 26.54
CA ARG A 155 -12.61 -4.24 27.15
C ARG A 155 -13.50 -3.49 26.14
N SER A 156 -13.06 -3.35 24.88
CA SER A 156 -13.81 -2.55 23.90
C SER A 156 -15.24 -3.11 23.63
N VAL A 157 -15.44 -4.42 23.82
CA VAL A 157 -16.77 -5.10 23.65
C VAL A 157 -17.92 -4.36 24.26
N VAL A 158 -17.69 -3.79 25.42
CA VAL A 158 -18.75 -3.20 26.20
C VAL A 158 -18.46 -1.76 26.60
N ALA A 159 -17.49 -1.12 25.94
CA ALA A 159 -17.23 0.31 26.17
C ALA A 159 -17.31 1.17 24.90
N SER A 160 -17.57 2.47 25.10
CA SER A 160 -17.41 3.48 24.03
C SER A 160 -15.92 3.72 23.90
N ARG A 161 -15.31 3.26 22.81
CA ARG A 161 -13.87 3.46 22.61
C ARG A 161 -13.53 3.69 21.14
N GLU A 162 -14.10 4.75 20.59
CA GLU A 162 -14.12 4.96 19.13
C GLU A 162 -12.73 5.22 18.52
N GLY A 163 -11.76 5.60 19.35
CA GLY A 163 -10.45 6.00 18.90
C GLY A 163 -9.52 4.87 18.59
N THR A 164 -9.87 3.67 19.03
CA THR A 164 -8.94 2.53 18.94
C THR A 164 -8.86 1.87 17.54
N GLU A 165 -9.77 2.21 16.62
CA GLU A 165 -9.76 1.60 15.26
C GLU A 165 -8.72 2.13 14.20
N ASP A 166 -7.94 3.17 14.55
CA ASP A 166 -7.09 3.92 13.55
C ASP A 166 -5.70 3.34 13.34
N SER A 167 -5.34 2.28 14.02
CA SER A 167 -4.02 1.67 13.84
C SER A 167 -4.08 0.31 13.20
N ALA A 168 -3.43 0.18 12.04
CA ALA A 168 -3.21 -1.07 11.37
C ALA A 168 -2.23 -1.95 12.11
N LEU A 169 -1.19 -1.40 12.71
CA LEU A 169 -0.24 -2.22 13.48
C LEU A 169 -0.95 -2.83 14.68
N HIS A 170 -1.75 -2.07 15.36
CA HIS A 170 -2.52 -2.68 16.46
C HIS A 170 -3.31 -3.93 15.99
N GLY A 171 -4.02 -3.79 14.87
CA GLY A 171 -4.86 -4.86 14.34
C GLY A 171 -4.04 -6.08 14.06
N ILE A 172 -2.89 -5.89 13.41
CA ILE A 172 -1.97 -6.96 13.08
C ILE A 172 -1.40 -7.63 14.33
N GLU A 173 -1.07 -6.81 15.33
CA GLU A 173 -0.54 -7.29 16.61
C GLU A 173 -1.51 -8.27 17.26
N GLU A 174 -2.75 -7.81 17.53
CA GLU A 174 -3.82 -8.64 18.06
C GLU A 174 -3.98 -9.92 17.25
N LEU A 175 -3.86 -9.80 15.94
CA LEU A 175 -4.00 -10.95 15.10
C LEU A 175 -2.85 -11.93 15.33
N LYS A 176 -1.61 -11.43 15.45
CA LYS A 176 -0.45 -12.30 15.69
C LYS A 176 -0.55 -13.05 17.01
N LYS A 177 -1.10 -12.40 18.03
CA LYS A 177 -1.21 -12.96 19.36
C LYS A 177 -2.07 -14.21 19.32
N VAL A 178 -3.29 -14.00 18.92
CA VAL A 178 -4.29 -15.04 18.83
C VAL A 178 -3.93 -16.17 17.84
N ALA A 179 -3.18 -15.89 16.78
CA ALA A 179 -2.85 -16.92 15.77
C ALA A 179 -1.52 -17.62 16.02
N ALA A 180 -0.99 -17.42 17.23
CA ALA A 180 -0.16 -18.39 17.99
C ALA A 180 0.81 -19.22 17.15
N GLY A 181 0.63 -20.54 17.14
CA GLY A 181 1.38 -21.41 16.27
C GLY A 181 0.35 -22.26 15.57
N LYS A 182 -0.79 -21.62 15.24
CA LYS A 182 -1.84 -22.24 14.42
C LYS A 182 -1.32 -22.53 13.03
N LYS A 183 -2.00 -23.43 12.34
CA LYS A 183 -1.54 -23.91 11.04
C LYS A 183 -2.42 -23.39 9.89
N ARG A 184 -3.70 -23.19 10.18
CA ARG A 184 -4.70 -22.81 9.19
C ARG A 184 -5.68 -21.84 9.87
N VAL A 185 -5.62 -20.58 9.47
CA VAL A 185 -6.37 -19.52 10.12
C VAL A 185 -7.35 -18.81 9.16
N ILE A 186 -8.60 -18.73 9.56
CA ILE A 186 -9.57 -18.01 8.81
C ILE A 186 -9.86 -16.73 9.54
N VAL A 187 -9.63 -15.60 8.84
CA VAL A 187 -9.78 -14.26 9.45
C VAL A 187 -10.89 -13.50 8.74
N ILE A 188 -11.99 -13.40 9.44
CA ILE A 188 -13.11 -12.67 8.93
C ILE A 188 -13.05 -11.23 9.40
N GLY A 189 -12.51 -10.39 8.53
CA GLY A 189 -12.33 -8.98 8.81
C GLY A 189 -13.62 -8.23 8.57
N ILE A 190 -14.24 -7.73 9.61
CA ILE A 190 -15.51 -7.06 9.44
C ILE A 190 -15.31 -5.57 9.54
N SER A 191 -15.72 -4.84 8.50
CA SER A 191 -15.76 -3.39 8.51
C SER A 191 -16.87 -2.91 7.59
N VAL A 192 -17.92 -2.39 8.19
CA VAL A 192 -19.08 -2.10 7.46
C VAL A 192 -18.77 -1.19 6.29
N GLY A 193 -17.94 -0.20 6.52
CA GLY A 193 -17.69 0.84 5.55
C GLY A 193 -16.49 0.50 4.73
N LEU A 194 -15.93 -0.68 4.98
CA LEU A 194 -14.67 -1.07 4.37
C LEU A 194 -13.68 0.11 4.65
N SER A 195 -13.53 0.41 5.93
CA SER A 195 -12.95 1.60 6.42
C SER A 195 -11.89 1.42 7.49
N ALA A 196 -12.11 0.54 8.49
CA ALA A 196 -11.27 0.54 9.71
C ALA A 196 -9.81 0.11 9.46
N PRO A 197 -8.84 0.99 9.82
CA PRO A 197 -7.44 0.63 9.63
C PRO A 197 -7.05 -0.64 10.36
N PHE A 198 -7.62 -0.83 11.57
CA PHE A 198 -7.54 -2.12 12.30
C PHE A 198 -7.70 -3.35 11.42
N VAL A 199 -8.77 -3.39 10.62
CA VAL A 199 -9.03 -4.54 9.75
C VAL A 199 -8.08 -4.55 8.59
N ALA A 200 -7.86 -3.37 8.02
CA ALA A 200 -7.09 -3.28 6.76
C ALA A 200 -5.75 -4.01 6.95
N GLY A 201 -5.09 -3.75 8.07
CA GLY A 201 -3.79 -4.38 8.28
C GLY A 201 -3.85 -5.88 8.48
N GLN A 202 -4.89 -6.36 9.13
CA GLN A 202 -5.11 -7.82 9.26
C GLN A 202 -5.19 -8.50 7.88
N MET A 203 -5.98 -7.87 6.98
CA MET A 203 -6.28 -8.52 5.71
C MET A 203 -5.02 -8.57 4.89
N ASP A 204 -4.20 -7.53 5.03
CA ASP A 204 -2.97 -7.36 4.24
C ASP A 204 -1.93 -8.37 4.73
N CYS A 205 -1.75 -8.43 6.03
CA CYS A 205 -0.94 -9.48 6.70
C CYS A 205 -1.37 -10.87 6.20
N CYS A 206 -2.69 -11.17 6.23
CA CYS A 206 -3.15 -12.47 5.66
C CYS A 206 -2.65 -12.69 4.28
N MET A 207 -2.84 -11.72 3.38
CA MET A 207 -2.39 -11.96 2.00
C MET A 207 -0.87 -12.19 1.89
N ASN A 208 -0.10 -11.77 2.89
CA ASN A 208 1.34 -11.95 2.81
C ASN A 208 1.79 -13.24 3.51
N ASN A 209 0.85 -14.17 3.74
CA ASN A 209 1.13 -15.50 4.30
C ASN A 209 -0.08 -16.47 4.12
N THR A 210 -0.29 -16.86 2.87
CA THR A 210 -1.52 -17.51 2.45
C THR A 210 -1.46 -19.01 2.70
N ALA A 211 -0.24 -19.51 2.89
CA ALA A 211 0.01 -20.86 3.40
C ALA A 211 -0.78 -21.11 4.67
N VAL A 212 -0.82 -20.11 5.56
CA VAL A 212 -1.52 -20.19 6.84
C VAL A 212 -2.85 -19.41 6.83
N PHE A 213 -2.86 -18.16 6.37
CA PHE A 213 -4.05 -17.31 6.56
C PHE A 213 -4.98 -17.32 5.38
N LEU A 214 -6.26 -17.25 5.68
CA LEU A 214 -7.27 -17.02 4.70
C LEU A 214 -8.15 -15.83 5.17
N PRO A 215 -7.95 -14.67 4.52
CA PRO A 215 -8.74 -13.49 4.84
C PRO A 215 -10.06 -13.45 4.10
N VAL A 216 -11.09 -13.10 4.85
CA VAL A 216 -12.40 -12.89 4.30
C VAL A 216 -12.85 -11.53 4.82
N LEU A 217 -13.06 -10.57 3.91
CA LEU A 217 -13.46 -9.22 4.28
C LEU A 217 -14.96 -9.08 4.16
N VAL A 218 -15.59 -8.56 5.21
CA VAL A 218 -16.99 -8.28 5.20
C VAL A 218 -17.30 -6.85 5.47
N GLY A 219 -18.19 -6.30 4.65
CA GLY A 219 -18.62 -4.89 4.72
C GLY A 219 -19.71 -4.68 3.65
N PHE A 220 -20.18 -3.47 3.51
CA PHE A 220 -21.38 -3.22 2.75
C PHE A 220 -21.26 -2.03 1.78
N ASN A 221 -20.04 -1.83 1.27
CA ASN A 221 -19.84 -0.95 0.14
C ASN A 221 -19.23 -1.75 -1.02
N PRO A 222 -19.54 -1.37 -2.25
CA PRO A 222 -18.66 -1.86 -3.32
C PRO A 222 -17.21 -1.54 -3.05
N VAL A 223 -16.33 -2.39 -3.52
CA VAL A 223 -14.92 -2.12 -3.36
C VAL A 223 -14.46 -0.79 -4.00
N SER A 224 -15.11 -0.32 -5.06
CA SER A 224 -14.80 1.01 -5.59
C SER A 224 -15.18 2.16 -4.67
N MET A 225 -15.96 1.90 -3.62
CA MET A 225 -16.22 2.92 -2.61
C MET A 225 -15.48 2.64 -1.32
N ALA A 226 -14.58 1.66 -1.32
CA ALA A 226 -13.84 1.34 -0.11
C ALA A 226 -12.99 2.54 0.25
N ARG A 227 -12.74 2.72 1.53
CA ARG A 227 -11.95 3.85 2.02
C ARG A 227 -10.56 3.93 1.35
N ASN A 228 -10.14 5.14 0.99
CA ASN A 228 -8.93 5.36 0.23
C ASN A 228 -8.03 6.46 0.72
N ASP A 229 -8.31 7.10 1.83
CA ASP A 229 -7.32 8.06 2.39
C ASP A 229 -6.21 7.32 3.13
N PRO A 230 -4.99 7.91 3.24
CA PRO A 230 -3.86 7.21 3.91
C PRO A 230 -4.11 6.83 5.39
N ILE A 231 -3.55 5.72 5.81
CA ILE A 231 -3.59 5.28 7.17
C ILE A 231 -2.22 5.63 7.69
N GLU A 232 -2.20 6.20 8.88
CA GLU A 232 -1.01 6.73 9.48
C GLU A 232 0.06 5.70 9.67
N ASP A 233 -0.28 4.51 10.13
CA ASP A 233 0.78 3.51 10.36
C ASP A 233 0.86 2.43 9.26
N TRP A 234 0.49 2.73 8.03
CA TRP A 234 0.42 1.66 6.98
C TRP A 234 0.43 2.32 5.59
N SER A 235 1.11 1.66 4.67
CA SER A 235 1.39 2.22 3.36
C SER A 235 0.28 2.05 2.32
N SER A 236 -0.52 0.99 2.43
CA SER A 236 -1.64 0.74 1.54
C SER A 236 -2.94 1.26 2.11
N THR A 237 -3.94 1.51 1.27
CA THR A 237 -5.29 1.95 1.75
C THR A 237 -6.25 0.78 1.87
N PHE A 238 -7.40 0.99 2.51
CA PHE A 238 -8.40 -0.12 2.54
C PHE A 238 -8.74 -0.60 1.12
N ARG A 239 -8.94 0.37 0.23
CA ARG A 239 -9.31 0.08 -1.17
C ARG A 239 -8.29 -0.78 -1.90
N GLN A 240 -7.01 -0.53 -1.67
CA GLN A 240 -5.99 -1.31 -2.35
C GLN A 240 -5.96 -2.70 -1.82
N VAL A 241 -6.20 -2.81 -0.52
CA VAL A 241 -6.22 -4.09 0.14
C VAL A 241 -7.42 -4.86 -0.42
N ALA A 242 -8.61 -4.29 -0.29
CA ALA A 242 -9.79 -4.96 -0.81
C ALA A 242 -9.68 -5.30 -2.31
N GLU A 243 -9.12 -4.42 -3.15
CA GLU A 243 -9.05 -4.72 -4.59
C GLU A 243 -8.19 -5.96 -4.86
N ARG A 244 -7.15 -6.14 -4.04
CA ARG A 244 -6.18 -7.21 -4.20
C ARG A 244 -6.73 -8.52 -3.69
N MET A 245 -7.59 -8.44 -2.65
CA MET A 245 -8.28 -9.62 -2.12
C MET A 245 -9.27 -10.12 -3.18
N GLN A 246 -9.91 -9.20 -3.85
CA GLN A 246 -10.85 -9.52 -4.91
C GLN A 246 -10.14 -10.28 -6.05
N LYS A 247 -8.95 -9.83 -6.42
CA LYS A 247 -8.13 -10.54 -7.40
C LYS A 247 -7.74 -11.95 -6.91
N MET A 248 -7.46 -12.12 -5.60
CA MET A 248 -7.16 -13.45 -5.06
C MET A 248 -8.38 -14.37 -4.99
N GLN A 249 -9.57 -13.81 -5.10
CA GLN A 249 -10.77 -14.60 -4.95
C GLN A 249 -10.95 -15.54 -6.14
N GLU A 250 -10.50 -15.09 -7.32
CA GLU A 250 -10.39 -15.98 -8.50
C GLU A 250 -9.69 -17.33 -8.20
N LYS A 251 -8.55 -17.29 -7.52
CA LYS A 251 -7.82 -18.49 -7.08
C LYS A 251 -8.32 -18.97 -5.70
N GLN A 252 -9.41 -18.41 -5.18
CA GLN A 252 -9.98 -18.87 -3.88
C GLN A 252 -9.08 -18.72 -2.63
N LYS A 253 -8.16 -17.77 -2.66
CA LYS A 253 -7.28 -17.54 -1.51
C LYS A 253 -7.62 -16.28 -0.72
N ALA A 254 -8.56 -15.47 -1.20
CA ALA A 254 -9.16 -14.42 -0.38
C ALA A 254 -10.57 -14.31 -0.82
N PHE A 255 -11.39 -13.67 0.02
CA PHE A 255 -12.77 -13.45 -0.31
C PHE A 255 -13.22 -12.11 0.17
N VAL A 256 -14.02 -11.44 -0.66
CA VAL A 256 -14.70 -10.22 -0.29
C VAL A 256 -16.22 -10.47 -0.37
N LEU A 257 -16.91 -10.25 0.73
CA LEU A 257 -18.33 -10.46 0.89
C LEU A 257 -18.96 -9.11 1.17
N ASN A 258 -19.44 -8.39 0.15
CA ASN A 258 -19.87 -7.00 0.33
C ASN A 258 -21.17 -6.55 -0.35
N PRO A 259 -22.32 -7.05 0.15
CA PRO A 259 -23.59 -6.67 -0.46
C PRO A 259 -23.97 -5.27 -0.10
N ALA A 260 -24.58 -4.50 -1.00
CA ALA A 260 -25.12 -3.21 -0.63
C ALA A 260 -26.40 -3.52 0.11
N ILE A 261 -26.66 -2.78 1.18
CA ILE A 261 -27.88 -2.90 1.94
C ILE A 261 -28.57 -1.57 2.07
N GLY A 262 -28.04 -0.58 1.36
CA GLY A 262 -28.62 0.75 1.33
C GLY A 262 -28.26 1.53 2.57
N PRO A 263 -28.31 2.86 2.50
CA PRO A 263 -27.87 3.72 3.58
C PRO A 263 -28.52 3.50 4.94
N GLU A 264 -27.84 3.96 5.98
CA GLU A 264 -28.40 3.93 7.30
C GLU A 264 -29.46 5.03 7.44
N GLY A 265 -30.47 4.79 8.27
CA GLY A 265 -31.52 5.72 8.48
C GLY A 265 -31.00 6.95 9.19
N LEU A 266 -30.00 6.75 10.06
CA LEU A 266 -29.15 7.85 10.54
C LEU A 266 -27.81 7.75 9.79
N SER A 267 -27.57 8.69 8.89
CA SER A 267 -26.39 8.72 8.04
C SER A 267 -25.13 8.27 8.77
N GLY A 268 -24.52 7.19 8.28
CA GLY A 268 -23.24 6.72 8.73
C GLY A 268 -23.28 6.08 10.10
N SER A 269 -24.48 5.76 10.57
CA SER A 269 -24.63 5.14 11.86
C SER A 269 -24.61 3.65 11.65
N SER A 270 -23.45 3.15 11.25
CA SER A 270 -23.34 1.77 10.85
C SER A 270 -23.57 0.74 12.00
N ARG A 271 -23.80 1.19 13.23
CA ARG A 271 -24.17 0.24 14.30
C ARG A 271 -25.55 -0.40 14.04
N MET A 272 -26.33 0.23 13.18
CA MET A 272 -27.68 -0.18 12.90
C MET A 272 -27.75 -1.19 11.77
N LYS A 273 -28.16 -0.79 10.55
CA LYS A 273 -28.22 -1.82 9.52
C LYS A 273 -26.94 -2.61 9.41
N GLY A 274 -25.76 -1.94 9.49
CA GLY A 274 -24.49 -2.64 9.32
C GLY A 274 -24.18 -3.79 10.29
N GLY A 275 -24.47 -3.53 11.57
CA GLY A 275 -24.29 -4.60 12.58
C GLY A 275 -25.32 -5.72 12.33
N SER A 276 -26.53 -5.33 11.91
CA SER A 276 -27.58 -6.33 11.63
C SER A 276 -27.21 -7.19 10.47
N ALA A 277 -26.91 -6.54 9.35
CA ALA A 277 -26.47 -7.29 8.19
C ALA A 277 -25.25 -8.20 8.51
N THR A 278 -24.38 -7.75 9.42
CA THR A 278 -23.20 -8.53 9.72
C THR A 278 -23.66 -9.89 10.29
N LYS A 279 -24.58 -9.90 11.26
CA LYS A 279 -25.09 -11.14 11.88
C LYS A 279 -25.84 -11.95 10.84
N ILE A 280 -26.78 -11.31 10.15
CA ILE A 280 -27.60 -12.00 9.15
C ILE A 280 -26.64 -12.74 8.28
N LEU A 281 -25.66 -12.03 7.79
CA LEU A 281 -24.80 -12.58 6.77
C LEU A 281 -23.88 -13.64 7.32
N LEU A 282 -23.27 -13.40 8.49
CA LEU A 282 -22.25 -14.34 8.98
C LEU A 282 -22.84 -15.57 9.76
N GLU A 283 -23.89 -15.33 10.53
CA GLU A 283 -24.57 -16.44 11.21
C GLU A 283 -25.12 -17.44 10.16
N THR A 284 -25.85 -16.93 9.18
CA THR A 284 -26.29 -17.70 8.01
C THR A 284 -25.21 -18.61 7.44
N LEU A 285 -24.07 -18.05 7.15
CA LEU A 285 -23.02 -18.80 6.46
C LEU A 285 -22.29 -19.79 7.39
N LEU A 286 -22.08 -19.39 8.63
CA LEU A 286 -21.36 -20.30 9.49
C LEU A 286 -22.31 -21.49 9.84
N LEU A 287 -23.55 -21.16 10.26
CA LEU A 287 -24.54 -22.18 10.59
C LEU A 287 -24.70 -23.19 9.45
N ALA A 288 -24.79 -22.70 8.23
CA ALA A 288 -24.79 -23.58 7.08
C ALA A 288 -23.60 -24.52 7.02
N ALA A 289 -22.43 -24.00 7.39
CA ALA A 289 -21.21 -24.78 7.22
C ALA A 289 -21.13 -25.92 8.23
N HIS A 290 -21.54 -25.63 9.48
CA HIS A 290 -21.62 -26.59 10.56
C HIS A 290 -22.73 -27.62 10.25
N LYS A 291 -23.98 -27.15 10.15
CA LYS A 291 -25.11 -28.03 9.95
C LYS A 291 -25.01 -28.87 8.67
N THR A 292 -24.06 -28.57 7.77
CA THR A 292 -23.83 -29.39 6.58
C THR A 292 -22.51 -30.19 6.62
N VAL A 293 -21.59 -29.94 7.55
CA VAL A 293 -20.46 -30.89 7.68
C VAL A 293 -20.91 -32.27 8.13
N ASP A 294 -21.68 -32.32 9.21
CA ASP A 294 -22.05 -33.61 9.80
C ASP A 294 -23.10 -34.35 8.96
N GLN A 295 -23.66 -33.68 7.94
CA GLN A 295 -24.45 -34.36 6.90
C GLN A 295 -23.58 -34.77 5.69
N GLY A 296 -22.27 -34.55 5.78
CA GLY A 296 -21.33 -34.88 4.68
C GLY A 296 -21.85 -34.44 3.33
N ILE A 297 -22.21 -33.16 3.27
CA ILE A 297 -22.86 -32.54 2.10
C ILE A 297 -22.35 -31.09 1.97
N ALA A 298 -21.96 -30.68 0.76
CA ALA A 298 -21.49 -29.30 0.55
C ALA A 298 -22.57 -28.29 0.96
N ALA A 299 -22.16 -27.14 1.45
CA ALA A 299 -23.12 -26.07 1.66
C ALA A 299 -23.60 -25.61 0.27
N SER A 300 -24.88 -25.30 0.16
CA SER A 300 -25.51 -24.94 -1.12
C SER A 300 -26.29 -23.64 -0.89
N GLN A 301 -26.65 -22.99 -1.99
CA GLN A 301 -27.39 -21.74 -1.93
C GLN A 301 -28.72 -21.99 -1.24
N ARG A 302 -29.31 -23.17 -1.51
CA ARG A 302 -30.55 -23.60 -0.88
C ARG A 302 -30.46 -23.62 0.64
N CYS A 303 -29.41 -24.19 1.25
CA CYS A 303 -29.38 -24.15 2.73
C CYS A 303 -29.19 -22.72 3.28
N LEU A 304 -28.40 -21.90 2.58
CA LEU A 304 -28.23 -20.47 2.94
C LEU A 304 -29.55 -19.74 2.88
N LEU A 305 -30.30 -19.97 1.81
CA LEU A 305 -31.56 -19.27 1.59
C LEU A 305 -32.59 -19.52 2.67
N GLU A 306 -32.66 -20.77 3.14
CA GLU A 306 -33.58 -21.15 4.22
C GLU A 306 -33.32 -20.19 5.34
N ILE A 307 -32.05 -20.09 5.72
CA ILE A 307 -31.64 -19.19 6.80
C ILE A 307 -31.91 -17.70 6.56
N LEU A 308 -31.62 -17.23 5.34
CA LEU A 308 -31.82 -15.81 5.04
C LEU A 308 -33.27 -15.49 5.10
N ARG A 309 -34.10 -16.38 4.54
CA ARG A 309 -35.57 -16.15 4.57
C ARG A 309 -36.10 -16.15 5.99
N THR A 310 -35.50 -16.97 6.86
CA THR A 310 -35.91 -16.95 8.26
C THR A 310 -35.54 -15.60 8.84
N PHE A 311 -34.33 -15.14 8.53
CA PHE A 311 -33.92 -13.83 9.04
C PHE A 311 -34.84 -12.78 8.51
N GLU A 312 -35.35 -12.95 7.29
CA GLU A 312 -36.26 -11.95 6.68
C GLU A 312 -37.68 -11.97 7.33
N ARG A 313 -38.18 -13.17 7.65
CA ARG A 313 -39.45 -13.28 8.45
C ARG A 313 -39.25 -12.55 9.76
N ALA A 314 -38.08 -12.78 10.38
CA ALA A 314 -37.75 -12.13 11.65
C ALA A 314 -37.93 -10.59 11.63
N HIS A 315 -37.63 -9.98 10.50
CA HIS A 315 -37.87 -8.54 10.40
C HIS A 315 -39.34 -8.27 10.40
N GLN A 316 -40.10 -9.07 9.66
CA GLN A 316 -41.54 -8.88 9.55
C GLN A 316 -42.19 -9.11 10.92
N VAL A 317 -41.87 -10.24 11.52
CA VAL A 317 -42.35 -10.57 12.87
C VAL A 317 -42.10 -9.39 13.80
N THR A 318 -40.84 -8.96 13.86
CA THR A 318 -40.41 -7.93 14.80
C THR A 318 -41.17 -6.62 14.63
N TYR A 319 -41.30 -6.14 13.41
CA TYR A 319 -41.87 -4.82 13.17
C TYR A 319 -43.39 -4.81 13.11
N SER A 320 -44.01 -5.97 13.23
CA SER A 320 -45.46 -6.06 13.40
C SER A 320 -45.86 -5.60 14.79
N GLN A 321 -44.90 -5.58 15.71
CA GLN A 321 -45.08 -4.93 17.01
C GLN A 321 -44.72 -3.43 17.00
N SER A 322 -44.93 -2.75 15.87
CA SER A 322 -44.48 -1.34 15.73
C SER A 322 -45.12 -0.29 16.68
N PRO A 323 -46.46 -0.31 16.84
CA PRO A 323 -47.16 0.61 17.75
C PRO A 323 -46.63 0.60 19.18
N LYS A 324 -46.33 -0.59 19.69
CA LYS A 324 -45.74 -0.74 21.03
C LYS A 324 -44.33 -0.17 20.99
N ILE A 325 -43.59 -0.45 19.91
CA ILE A 325 -42.20 0.02 19.79
C ILE A 325 -42.18 1.54 19.82
N ALA A 326 -43.09 2.17 19.08
CA ALA A 326 -43.26 3.62 19.20
C ALA A 326 -43.50 4.09 20.65
N THR A 327 -44.38 3.39 21.37
CA THR A 327 -44.74 3.76 22.74
C THR A 327 -43.53 3.75 23.69
N LEU A 328 -42.81 2.62 23.70
CA LEU A 328 -41.60 2.51 24.50
C LEU A 328 -40.60 3.61 24.12
N MET A 329 -40.57 4.00 22.84
CA MET A 329 -39.74 5.10 22.37
C MET A 329 -40.15 6.39 23.08
N LYS A 330 -41.42 6.76 22.92
CA LYS A 330 -42.02 7.91 23.62
C LYS A 330 -41.73 7.92 25.15
N SER A 331 -41.65 6.77 25.79
CA SER A 331 -41.34 6.73 27.23
C SER A 331 -39.85 6.88 27.52
N VAL A 332 -39.01 6.28 26.67
CA VAL A 332 -37.56 6.41 26.81
C VAL A 332 -37.16 7.85 26.56
N SER A 333 -37.81 8.47 25.59
CA SER A 333 -37.55 9.84 25.29
C SER A 333 -37.99 10.76 26.41
N THR A 334 -39.19 10.50 26.94
CA THR A 334 -39.78 11.30 28.03
C THR A 334 -38.78 11.40 29.16
N SER A 335 -38.33 10.25 29.68
CA SER A 335 -37.35 10.18 30.78
C SER A 335 -36.01 10.93 30.58
N LEU A 336 -35.64 11.14 29.31
CA LEU A 336 -34.44 11.83 28.96
C LEU A 336 -34.69 13.30 28.70
N GLU A 337 -35.92 13.62 28.33
CA GLU A 337 -36.33 15.03 28.26
C GLU A 337 -36.38 15.62 29.67
N LYS A 338 -36.89 14.86 30.63
CA LYS A 338 -36.93 15.33 32.02
C LYS A 338 -35.46 15.36 32.45
N LYS A 339 -34.97 14.44 33.26
CA LYS A 339 -33.52 14.20 33.29
C LYS A 339 -33.23 12.85 33.88
N GLY A 340 -34.11 11.91 33.59
CA GLY A 340 -34.01 10.59 34.18
C GLY A 340 -33.13 9.68 33.37
N HIS A 341 -33.06 8.43 33.80
CA HIS A 341 -32.20 7.46 33.21
C HIS A 341 -33.11 6.36 32.65
N VAL A 342 -32.49 5.41 31.96
CA VAL A 342 -33.18 4.36 31.24
C VAL A 342 -32.34 3.09 31.38
N TYR A 343 -32.97 2.06 31.91
CA TYR A 343 -32.27 0.87 32.29
C TYR A 343 -32.79 -0.19 31.33
N LEU A 344 -31.90 -1.09 30.92
CA LEU A 344 -32.21 -2.10 29.98
C LEU A 344 -31.71 -3.32 30.68
N VAL A 345 -32.64 -4.20 31.02
CA VAL A 345 -32.33 -5.27 31.93
C VAL A 345 -32.73 -6.52 31.20
N GLY A 346 -31.80 -7.43 31.02
CA GLY A 346 -32.08 -8.59 30.21
C GLY A 346 -31.18 -9.72 30.60
N TRP A 347 -31.45 -10.92 30.06
CA TRP A 347 -30.78 -12.13 30.56
C TRP A 347 -30.08 -12.77 29.39
N GLN A 348 -29.10 -13.61 29.70
CA GLN A 348 -28.16 -14.11 28.72
C GLN A 348 -27.71 -13.07 27.67
N THR A 349 -27.24 -13.59 26.55
CA THR A 349 -27.09 -12.88 25.30
C THR A 349 -27.96 -11.67 25.05
N LEU A 350 -29.23 -11.68 25.43
CA LEU A 350 -30.05 -10.49 25.20
C LEU A 350 -29.73 -9.40 26.19
N GLY A 351 -29.13 -9.75 27.31
CA GLY A 351 -28.70 -8.72 28.24
C GLY A 351 -27.56 -7.91 27.64
N ILE A 352 -26.55 -8.64 27.15
CA ILE A 352 -25.35 -8.12 26.53
C ILE A 352 -25.69 -7.14 25.45
N ILE A 353 -26.50 -7.59 24.49
CA ILE A 353 -27.01 -6.73 23.41
C ILE A 353 -27.58 -5.47 23.99
N ALA A 354 -28.19 -5.55 25.16
CA ALA A 354 -28.78 -4.36 25.80
C ALA A 354 -27.68 -3.36 26.25
N ILE A 355 -26.60 -3.95 26.75
CA ILE A 355 -25.44 -3.20 27.20
C ILE A 355 -24.84 -2.52 25.99
N MET A 356 -24.73 -3.30 24.93
CA MET A 356 -24.12 -2.84 23.72
C MET A 356 -24.89 -1.68 23.20
N ASP A 357 -26.21 -1.73 23.28
CA ASP A 357 -26.99 -0.60 22.77
C ASP A 357 -26.72 0.62 23.61
N GLY A 358 -26.72 0.45 24.93
CA GLY A 358 -26.61 1.59 25.86
C GLY A 358 -25.31 2.36 25.70
N VAL A 359 -24.21 1.64 25.78
CA VAL A 359 -22.89 2.12 25.50
C VAL A 359 -22.81 2.89 24.15
N GLU A 360 -23.39 2.35 23.09
CA GLU A 360 -23.28 3.01 21.80
C GLU A 360 -23.93 4.39 21.78
N CYS A 361 -24.89 4.60 22.67
CA CYS A 361 -25.57 5.89 22.74
C CYS A 361 -24.66 7.03 23.16
N ILE A 362 -23.55 6.70 23.82
CA ILE A 362 -22.63 7.69 24.35
C ILE A 362 -21.99 8.43 23.19
N HIS A 363 -21.23 7.71 22.36
CA HIS A 363 -20.62 8.31 21.17
C HIS A 363 -21.61 8.64 20.07
N THR A 364 -22.72 7.92 19.97
CA THR A 364 -23.61 8.17 18.85
C THR A 364 -24.40 9.43 19.08
N PHE A 365 -24.86 9.66 20.30
CA PHE A 365 -25.63 10.88 20.55
C PHE A 365 -25.00 11.88 21.57
N GLY A 366 -23.77 11.62 21.99
CA GLY A 366 -23.12 12.47 22.97
C GLY A 366 -23.74 12.33 24.35
N ALA A 367 -24.30 11.17 24.64
CA ALA A 367 -25.12 11.01 25.82
C ALA A 367 -24.27 10.37 26.91
N ASP A 368 -24.53 10.75 28.17
CA ASP A 368 -23.81 10.21 29.36
C ASP A 368 -24.19 8.75 29.55
N PHE A 369 -23.28 7.93 30.07
CA PHE A 369 -23.52 6.48 30.20
C PHE A 369 -24.69 6.06 31.08
N ARG A 370 -25.20 6.99 31.89
CA ARG A 370 -26.36 6.69 32.71
C ARG A 370 -27.64 6.82 31.87
N ASP A 371 -27.59 7.59 30.78
CA ASP A 371 -28.81 7.92 30.03
C ASP A 371 -29.59 6.69 29.52
N VAL A 372 -28.87 5.73 28.96
CA VAL A 372 -29.42 4.46 28.51
C VAL A 372 -28.34 3.42 28.86
N ARG A 373 -28.56 2.62 29.91
CA ARG A 373 -27.51 1.74 30.47
C ARG A 373 -27.99 0.29 30.32
N GLY A 374 -27.06 -0.63 30.08
CA GLY A 374 -27.41 -2.05 29.97
C GLY A 374 -26.96 -2.90 31.13
N PHE A 375 -27.69 -3.99 31.35
CA PHE A 375 -27.55 -4.85 32.53
C PHE A 375 -27.80 -6.32 32.14
N LEU A 376 -26.86 -7.20 32.42
CA LEU A 376 -27.06 -8.65 32.27
C LEU A 376 -27.27 -9.31 33.64
N ILE A 377 -28.10 -10.35 33.69
CA ILE A 377 -28.31 -11.13 34.91
C ILE A 377 -27.95 -12.61 34.73
N PHE A 397 -21.74 -3.97 34.81
CA PHE A 397 -22.73 -4.27 33.73
C PHE A 397 -23.37 -5.66 33.93
N THR A 398 -22.63 -6.51 34.61
CA THR A 398 -23.01 -7.91 34.78
C THR A 398 -23.52 -8.11 36.26
N PHE A 399 -24.54 -7.35 36.66
CA PHE A 399 -24.97 -7.26 38.06
C PHE A 399 -26.10 -8.23 38.46
N SER A 400 -25.72 -9.29 39.20
CA SER A 400 -26.62 -10.35 39.72
C SER A 400 -27.93 -9.91 40.41
N GLN A 401 -28.87 -10.86 40.56
CA GLN A 401 -30.24 -10.58 41.02
C GLN A 401 -30.32 -9.66 42.24
N GLU A 402 -29.73 -10.12 43.34
CA GLU A 402 -29.76 -9.35 44.58
C GLU A 402 -28.90 -8.09 44.40
N ASP A 403 -27.71 -8.26 43.82
CA ASP A 403 -26.76 -7.13 43.60
C ASP A 403 -27.45 -5.94 42.87
N PHE A 404 -28.27 -6.23 41.86
CA PHE A 404 -29.10 -5.21 41.21
C PHE A 404 -30.10 -4.61 42.21
N LEU A 405 -30.80 -5.48 42.94
CA LEU A 405 -31.79 -5.02 43.92
C LEU A 405 -31.18 -4.11 44.99
N THR A 406 -29.99 -4.46 45.48
CA THR A 406 -29.35 -3.66 46.55
C THR A 406 -28.58 -2.44 46.00
N SER A 407 -27.94 -2.56 44.82
CA SER A 407 -27.15 -1.44 44.25
C SER A 407 -27.97 -0.38 43.47
N ILE A 408 -28.62 -0.81 42.39
CA ILE A 408 -29.21 0.12 41.42
C ILE A 408 -30.62 0.54 41.84
N LEU A 409 -31.43 -0.44 42.26
CA LEU A 409 -32.83 -0.19 42.66
C LEU A 409 -33.02 1.08 43.53
N PRO A 410 -32.16 1.29 44.55
CA PRO A 410 -32.16 2.53 45.35
C PRO A 410 -32.23 3.85 44.57
N SER A 411 -31.43 3.97 43.51
CA SER A 411 -31.33 5.20 42.70
C SER A 411 -32.47 5.47 41.70
N LEU A 412 -33.41 4.52 41.57
CA LEU A 412 -34.56 4.70 40.67
C LEU A 412 -35.49 5.84 41.10
N THR A 413 -36.46 6.19 40.26
CA THR A 413 -37.11 7.49 40.36
C THR A 413 -38.38 7.51 39.50
N GLU A 414 -39.32 8.39 39.84
CA GLU A 414 -40.68 8.42 39.25
C GLU A 414 -40.68 8.73 37.74
N ILE A 415 -39.61 9.35 37.25
CA ILE A 415 -39.54 9.77 35.84
C ILE A 415 -38.74 8.84 34.93
N ASP A 416 -37.98 7.89 35.53
CA ASP A 416 -37.17 6.89 34.81
C ASP A 416 -37.99 5.90 33.95
N THR A 417 -37.27 5.02 33.23
CA THR A 417 -37.86 3.92 32.45
C THR A 417 -36.99 2.66 32.52
N VAL A 418 -37.60 1.51 32.80
CA VAL A 418 -36.86 0.24 32.98
C VAL A 418 -37.42 -0.89 32.11
N VAL A 419 -36.61 -1.36 31.17
CA VAL A 419 -37.05 -2.30 30.15
C VAL A 419 -36.54 -3.70 30.46
N PHE A 420 -37.44 -4.66 30.42
CA PHE A 420 -37.10 -6.02 30.72
C PHE A 420 -37.13 -6.86 29.46
N ILE A 421 -36.13 -7.71 29.31
CA ILE A 421 -35.85 -8.39 28.06
C ILE A 421 -35.40 -9.79 28.34
N PHE A 422 -36.23 -10.74 27.95
CA PHE A 422 -36.05 -12.12 28.36
C PHE A 422 -36.91 -12.98 27.44
N THR A 423 -36.60 -14.26 27.38
CA THR A 423 -37.47 -15.26 26.79
C THR A 423 -38.30 -15.88 27.89
N LEU A 424 -39.27 -16.70 27.52
CA LEU A 424 -40.00 -17.51 28.50
C LEU A 424 -39.21 -18.76 28.87
N ASP A 425 -38.06 -18.99 28.25
CA ASP A 425 -37.17 -20.05 28.72
C ASP A 425 -36.17 -19.55 29.76
N ASP A 426 -36.37 -18.35 30.32
CA ASP A 426 -35.24 -17.75 31.08
C ASP A 426 -35.03 -18.00 32.59
N ASN A 427 -36.05 -18.37 33.34
CA ASN A 427 -36.04 -18.21 34.83
C ASN A 427 -36.83 -16.92 35.15
N LEU A 428 -38.15 -17.09 35.12
CA LEU A 428 -39.09 -15.97 35.26
C LEU A 428 -39.45 -15.67 36.72
N THR A 429 -38.91 -16.46 37.64
CA THR A 429 -38.98 -16.23 39.11
C THR A 429 -37.92 -15.19 39.50
N GLU A 430 -36.82 -15.19 38.77
CA GLU A 430 -35.77 -14.21 38.93
C GLU A 430 -36.22 -12.90 38.27
N VAL A 431 -37.03 -13.02 37.21
CA VAL A 431 -37.56 -11.85 36.50
C VAL A 431 -38.64 -11.14 37.31
N GLN A 432 -39.70 -11.86 37.67
CA GLN A 432 -40.81 -11.29 38.44
C GLN A 432 -40.36 -10.58 39.72
N THR A 433 -39.39 -11.17 40.40
CA THR A 433 -38.85 -10.60 41.64
C THR A 433 -38.43 -9.16 41.37
N ILE A 434 -37.65 -8.98 40.29
CA ILE A 434 -37.01 -7.70 40.03
C ILE A 434 -38.04 -6.70 39.55
N VAL A 435 -39.05 -7.18 38.86
CA VAL A 435 -40.06 -6.29 38.36
C VAL A 435 -40.98 -5.93 39.51
N GLU A 436 -41.26 -6.90 40.39
CA GLU A 436 -42.04 -6.64 41.61
C GLU A 436 -41.46 -5.40 42.31
N GLN A 437 -40.16 -5.44 42.56
CA GLN A 437 -39.47 -4.34 43.27
C GLN A 437 -39.39 -3.03 42.46
N VAL A 438 -38.98 -3.14 41.18
CA VAL A 438 -38.84 -1.96 40.32
C VAL A 438 -40.17 -1.21 40.14
N LYS A 439 -41.28 -1.94 40.06
CA LYS A 439 -42.59 -1.31 39.98
C LYS A 439 -42.83 -0.24 41.04
N GLU A 440 -42.39 -0.54 42.26
CA GLU A 440 -42.64 0.33 43.41
C GLU A 440 -41.90 1.65 43.28
N LYS A 441 -40.57 1.57 43.29
CA LYS A 441 -39.71 2.75 43.09
C LYS A 441 -39.92 3.41 41.65
N THR A 442 -40.50 2.69 40.66
CA THR A 442 -40.66 3.25 39.25
C THR A 442 -42.05 3.56 38.62
N ASN A 443 -42.77 2.52 38.14
CA ASN A 443 -44.01 2.60 37.30
C ASN A 443 -43.89 2.64 35.72
N HIS A 444 -42.98 3.41 35.13
CA HIS A 444 -42.73 3.29 33.67
C HIS A 444 -41.92 2.01 33.35
N ILE A 445 -42.50 0.85 33.55
CA ILE A 445 -41.89 -0.36 33.02
C ILE A 445 -42.60 -0.73 31.71
N GLN A 446 -41.93 -1.54 30.88
CA GLN A 446 -42.47 -2.16 29.63
C GLN A 446 -41.54 -3.35 29.43
N ALA A 447 -41.86 -4.29 28.55
CA ALA A 447 -40.98 -5.45 28.40
C ALA A 447 -40.97 -6.08 27.00
N LEU A 448 -39.97 -6.94 26.80
CA LEU A 448 -39.66 -7.55 25.51
C LEU A 448 -39.55 -9.04 25.72
N ALA A 449 -40.65 -9.74 25.46
CA ALA A 449 -40.73 -11.14 25.76
C ALA A 449 -40.76 -11.96 24.50
N HIS A 450 -39.74 -12.79 24.32
CA HIS A 450 -39.64 -13.74 23.25
C HIS A 450 -40.16 -15.14 23.66
N SER A 451 -40.94 -15.78 22.79
CA SER A 451 -41.57 -17.08 23.06
C SER A 451 -41.75 -17.91 21.79
N THR A 452 -41.72 -19.23 21.94
CA THR A 452 -42.32 -20.13 20.96
C THR A 452 -43.87 -19.96 21.06
N VAL A 453 -44.62 -20.28 19.98
CA VAL A 453 -46.11 -20.21 20.01
C VAL A 453 -46.69 -21.18 21.02
N GLY A 454 -47.62 -20.70 21.86
CA GLY A 454 -48.24 -21.54 22.89
C GLY A 454 -47.49 -21.69 24.20
N GLN A 455 -46.37 -20.98 24.38
CA GLN A 455 -45.84 -20.74 25.72
C GLN A 455 -46.72 -19.67 26.34
N THR A 456 -46.89 -19.73 27.66
CA THR A 456 -47.82 -18.83 28.33
C THR A 456 -47.06 -18.03 29.37
N LEU A 457 -47.52 -16.81 29.58
CA LEU A 457 -46.84 -15.90 30.47
C LEU A 457 -47.30 -16.14 31.91
N PRO A 458 -46.47 -16.83 32.74
CA PRO A 458 -46.82 -17.03 34.16
C PRO A 458 -47.30 -15.73 34.85
N ILE A 459 -48.23 -15.89 35.79
CA ILE A 459 -49.04 -14.79 36.34
C ILE A 459 -49.90 -14.19 35.20
N PRO A 460 -51.21 -14.52 35.18
CA PRO A 460 -52.16 -13.82 34.26
C PRO A 460 -52.37 -12.34 34.65
N LEU A 461 -52.13 -12.04 35.93
CA LEU A 461 -51.89 -10.67 36.41
C LEU A 461 -50.41 -10.23 36.25
N LYS A 462 -49.67 -10.87 35.32
CA LYS A 462 -48.45 -10.29 34.83
C LYS A 462 -48.96 -9.07 34.13
N LYS A 463 -49.30 -8.09 34.96
CA LYS A 463 -49.84 -6.80 34.55
C LYS A 463 -49.78 -5.83 35.74
N LEU A 464 -48.62 -5.60 36.41
CA LEU A 464 -47.21 -5.70 35.92
C LEU A 464 -47.01 -5.16 34.50
N PHE A 465 -47.01 -6.03 33.48
CA PHE A 465 -47.00 -5.55 32.09
C PHE A 465 -48.40 -5.63 31.45
N PRO A 466 -49.19 -4.53 31.52
CA PRO A 466 -50.48 -4.56 30.80
C PRO A 466 -50.34 -4.81 29.28
N SER A 467 -49.40 -4.10 28.64
CA SER A 467 -49.26 -4.15 27.17
C SER A 467 -47.83 -4.53 26.72
N ILE A 468 -47.41 -5.72 27.13
CA ILE A 468 -46.12 -6.30 26.72
C ILE A 468 -45.80 -6.15 25.23
N ILE A 469 -44.52 -6.40 24.92
CA ILE A 469 -44.09 -6.65 23.57
C ILE A 469 -43.78 -8.13 23.53
N SER A 470 -44.84 -8.88 23.24
CA SER A 470 -44.70 -10.30 23.05
C SER A 470 -44.27 -10.41 21.61
N ILE A 471 -43.09 -10.99 21.42
CA ILE A 471 -42.72 -11.44 20.12
C ILE A 471 -42.78 -12.95 20.20
N THR A 472 -43.66 -13.49 19.39
CA THR A 472 -43.95 -14.91 19.40
C THR A 472 -43.50 -15.52 18.08
N TRP A 473 -42.61 -16.47 18.19
CA TRP A 473 -41.93 -17.11 17.08
C TRP A 473 -42.60 -18.43 16.69
N PRO A 474 -42.95 -18.60 15.42
CA PRO A 474 -43.34 -19.90 14.90
C PRO A 474 -42.48 -21.06 15.41
N LEU A 475 -42.75 -22.25 14.89
CA LEU A 475 -42.02 -23.45 15.27
C LEU A 475 -41.11 -23.87 14.13
N LEU A 476 -39.81 -23.60 14.25
CA LEU A 476 -38.85 -24.09 13.26
C LEU A 476 -38.33 -25.48 13.67
N PHE A 477 -37.72 -26.16 12.71
CA PHE A 477 -37.18 -27.50 12.94
C PHE A 477 -35.66 -27.37 13.08
N PHE A 478 -35.18 -27.78 14.26
CA PHE A 478 -33.79 -27.54 14.68
C PHE A 478 -33.14 -28.82 15.21
N GLU A 479 -32.01 -29.21 14.63
CA GLU A 479 -31.34 -30.42 15.06
C GLU A 479 -30.19 -30.10 16.03
N TYR A 480 -29.51 -28.97 15.87
CA TYR A 480 -28.51 -28.58 16.86
C TYR A 480 -29.19 -28.19 18.16
N GLU A 481 -28.44 -28.37 19.23
CA GLU A 481 -28.99 -28.73 20.56
C GLU A 481 -29.35 -27.55 21.49
N GLY A 482 -28.85 -26.33 21.20
CA GLY A 482 -29.32 -25.08 21.86
C GLY A 482 -30.25 -24.21 21.00
N ASN A 483 -30.80 -24.82 19.95
CA ASN A 483 -31.62 -24.14 18.91
C ASN A 483 -30.98 -22.79 18.47
N PHE A 484 -29.86 -22.89 17.77
CA PHE A 484 -29.06 -21.71 17.48
C PHE A 484 -29.78 -20.72 16.55
N ILE A 485 -30.65 -21.21 15.67
CA ILE A 485 -31.46 -20.36 14.82
C ILE A 485 -32.45 -19.55 15.64
N GLN A 486 -32.99 -20.16 16.67
CA GLN A 486 -33.88 -19.41 17.57
C GLN A 486 -33.12 -18.33 18.30
N LYS A 487 -31.90 -18.62 18.71
CA LYS A 487 -31.08 -17.61 19.43
C LYS A 487 -30.85 -16.42 18.47
N PHE A 488 -30.33 -16.72 17.27
CA PHE A 488 -30.01 -15.69 16.25
C PHE A 488 -31.21 -14.84 15.92
N GLN A 489 -32.38 -15.45 15.79
CA GLN A 489 -33.62 -14.70 15.51
C GLN A 489 -33.87 -13.71 16.58
N ARG A 490 -33.63 -14.17 17.81
CA ARG A 490 -34.04 -13.41 18.99
C ARG A 490 -33.13 -12.21 19.26
N GLU A 491 -31.84 -12.50 19.28
CA GLU A 491 -30.79 -11.47 19.26
C GLU A 491 -31.11 -10.40 18.24
N LEU A 492 -31.28 -10.82 16.99
CA LEU A 492 -31.49 -9.83 15.91
C LEU A 492 -32.69 -8.94 16.19
N SER A 493 -33.77 -9.58 16.66
CA SER A 493 -35.05 -8.91 16.82
C SER A 493 -34.94 -7.89 17.94
N THR A 494 -34.29 -8.30 19.04
CA THR A 494 -33.97 -7.37 20.13
C THR A 494 -33.08 -6.19 19.64
N LYS A 495 -32.02 -6.53 18.89
CA LYS A 495 -31.16 -5.46 18.32
C LYS A 495 -31.97 -4.46 17.55
N TRP A 496 -32.82 -4.96 16.65
CA TRP A 496 -33.73 -4.04 15.95
C TRP A 496 -34.58 -3.21 16.88
N VAL A 497 -35.09 -3.82 17.96
CA VAL A 497 -35.98 -3.04 18.82
C VAL A 497 -35.19 -2.01 19.58
N LEU A 498 -34.17 -2.46 20.30
CA LEU A 498 -33.39 -1.52 21.09
C LEU A 498 -32.80 -0.40 20.22
N ASN A 499 -32.12 -0.72 19.11
CA ASN A 499 -31.58 0.30 18.20
C ASN A 499 -32.64 1.37 17.78
N THR A 500 -33.82 0.90 17.35
CA THR A 500 -34.86 1.78 16.87
C THR A 500 -35.34 2.66 18.02
N VAL A 501 -35.32 2.06 19.19
CA VAL A 501 -35.78 2.80 20.36
C VAL A 501 -34.74 3.85 20.74
N SER A 502 -33.51 3.37 20.98
CA SER A 502 -32.43 4.25 21.42
C SER A 502 -32.30 5.37 20.45
N THR A 503 -32.32 5.04 19.16
CA THR A 503 -32.13 6.09 18.12
C THR A 503 -33.30 6.99 18.03
N GLY A 504 -34.49 6.40 18.03
CA GLY A 504 -35.71 7.20 17.97
C GLY A 504 -35.84 8.15 19.15
N ALA A 505 -35.67 7.65 20.36
CA ALA A 505 -35.83 8.51 21.56
C ALA A 505 -35.00 9.80 21.37
N HIS A 506 -33.76 9.66 20.89
CA HIS A 506 -32.86 10.82 20.71
C HIS A 506 -33.23 11.76 19.56
N VAL A 507 -33.79 11.21 18.50
CA VAL A 507 -34.23 12.05 17.39
C VAL A 507 -35.36 12.96 17.85
N LEU A 508 -36.28 12.38 18.62
CA LEU A 508 -37.45 13.12 19.10
C LEU A 508 -37.04 14.36 19.88
N LEU A 509 -35.93 14.24 20.63
CA LEU A 509 -35.33 15.37 21.38
C LEU A 509 -34.68 16.48 20.55
N GLY A 510 -34.64 16.34 19.23
CA GLY A 510 -34.11 17.39 18.35
C GLY A 510 -32.59 17.38 18.16
N LYS A 511 -31.92 16.32 18.64
CA LYS A 511 -30.47 16.19 18.56
C LYS A 511 -29.92 15.84 17.16
N ILE A 512 -30.83 15.57 16.22
CA ILE A 512 -30.48 15.07 14.88
C ILE A 512 -30.92 16.16 13.91
N LEU A 513 -30.07 16.44 12.94
CA LEU A 513 -30.33 17.46 11.96
C LEU A 513 -30.61 16.78 10.61
N GLN A 514 -31.87 16.86 10.16
CA GLN A 514 -32.39 16.07 9.04
C GLN A 514 -32.21 14.54 9.28
N ASN A 515 -31.21 13.93 8.63
CA ASN A 515 -30.74 12.57 9.01
C ASN A 515 -29.25 12.46 9.29
N HIS A 516 -28.72 13.55 9.83
CA HIS A 516 -27.32 13.66 10.20
C HIS A 516 -27.19 14.01 11.68
N MET A 517 -26.22 13.39 12.36
CA MET A 517 -25.80 13.82 13.68
C MET A 517 -24.65 14.82 13.49
N LEU A 518 -25.01 16.10 13.50
CA LEU A 518 -24.06 17.18 13.34
C LEU A 518 -23.08 17.25 14.50
N ASP A 519 -23.61 17.20 15.71
CA ASP A 519 -22.85 17.57 16.88
C ASP A 519 -22.22 16.34 17.50
N LEU A 520 -21.46 15.63 16.71
CA LEU A 520 -20.72 14.47 17.21
C LEU A 520 -19.35 14.84 17.71
N ARG A 521 -18.79 13.94 18.49
CA ARG A 521 -17.46 14.10 19.05
C ARG A 521 -16.51 13.47 18.08
N ILE A 522 -15.50 14.22 17.64
CA ILE A 522 -14.51 13.68 16.72
C ILE A 522 -13.49 12.78 17.41
N SER A 523 -13.70 11.47 17.40
CA SER A 523 -12.80 10.61 18.17
C SER A 523 -11.99 9.64 17.34
N ASN A 524 -12.16 9.70 16.03
CA ASN A 524 -11.29 8.94 15.13
C ASN A 524 -11.30 9.69 13.82
N SER A 525 -10.50 9.21 12.88
CA SER A 525 -10.31 9.86 11.59
C SER A 525 -11.59 9.84 10.72
N LYS A 526 -12.28 8.70 10.71
CA LYS A 526 -13.54 8.63 9.94
C LYS A 526 -14.57 9.68 10.38
N LEU A 527 -14.62 9.89 11.67
CA LEU A 527 -15.51 10.86 12.25
C LEU A 527 -14.99 12.27 11.88
N PHE A 528 -13.66 12.42 11.82
CA PHE A 528 -13.13 13.72 11.46
C PHE A 528 -13.58 14.01 10.01
N TRP A 529 -13.44 13.03 9.14
CA TRP A 529 -13.89 13.24 7.74
C TRP A 529 -15.40 13.45 7.64
N ARG A 530 -16.16 12.79 8.50
CA ARG A 530 -17.60 12.93 8.46
C ARG A 530 -17.98 14.35 8.92
N ALA A 531 -17.27 14.88 9.91
CA ALA A 531 -17.49 16.29 10.31
C ALA A 531 -17.28 17.21 9.13
N LEU A 532 -16.16 17.04 8.44
CA LEU A 532 -15.86 17.89 7.29
C LEU A 532 -16.95 17.82 6.18
N ALA A 533 -17.38 16.62 5.84
CA ALA A 533 -18.52 16.42 4.95
C ALA A 533 -19.79 17.10 5.44
N MET A 534 -20.08 17.02 6.73
CA MET A 534 -21.27 17.74 7.19
C MET A 534 -21.06 19.24 7.12
N LEU A 535 -19.87 19.75 7.41
CA LEU A 535 -19.64 21.18 7.18
C LEU A 535 -19.90 21.58 5.74
N GLN A 536 -19.35 20.83 4.78
CA GLN A 536 -19.55 21.18 3.35
C GLN A 536 -21.02 21.16 2.97
N ARG A 537 -21.73 20.11 3.38
CA ARG A 537 -23.12 19.87 3.01
C ARG A 537 -24.06 20.97 3.53
N PHE A 538 -23.98 21.30 4.81
CA PHE A 538 -24.86 22.27 5.40
C PHE A 538 -24.42 23.70 5.17
N SER A 539 -23.15 23.96 4.87
CA SER A 539 -22.74 25.36 4.52
C SER A 539 -22.73 25.67 3.03
N GLY A 540 -22.44 24.69 2.18
CA GLY A 540 -22.30 24.94 0.74
C GLY A 540 -21.02 25.68 0.37
N GLN A 541 -20.07 25.78 1.30
CA GLN A 541 -18.82 26.52 1.09
C GLN A 541 -17.69 25.53 0.79
N SER A 542 -16.59 26.07 0.22
CA SER A 542 -15.53 25.27 -0.34
C SER A 542 -14.92 24.38 0.70
N LYS A 543 -14.11 23.43 0.25
CA LYS A 543 -13.51 22.51 1.16
C LYS A 543 -12.42 23.19 1.95
N ALA A 544 -11.75 24.18 1.34
CA ALA A 544 -10.66 24.93 2.00
C ALA A 544 -11.20 25.78 3.17
N ARG A 545 -12.33 26.42 2.93
CA ARG A 545 -12.99 27.16 3.96
C ARG A 545 -13.50 26.21 5.05
N CYS A 546 -14.13 25.11 4.68
CA CYS A 546 -14.70 24.22 5.71
C CYS A 546 -13.60 23.65 6.58
N ILE A 547 -12.53 23.18 5.93
CA ILE A 547 -11.36 22.66 6.64
C ILE A 547 -10.78 23.71 7.57
N GLU A 548 -10.68 24.94 7.08
CA GLU A 548 -10.13 26.03 7.90
C GLU A 548 -10.98 26.30 9.15
N SER A 549 -12.28 26.37 8.96
CA SER A 549 -13.14 26.60 10.08
C SER A 549 -13.07 25.42 11.10
N LEU A 550 -13.10 24.20 10.59
CA LEU A 550 -12.96 22.99 11.40
C LEU A 550 -11.68 22.95 12.21
N LEU A 551 -10.54 23.17 11.59
CA LEU A 551 -9.29 23.14 12.35
C LEU A 551 -9.15 24.28 13.36
N ARG A 552 -9.70 25.44 13.05
CA ARG A 552 -9.75 26.56 13.98
C ARG A 552 -10.64 26.21 15.18
N ALA A 553 -11.83 25.70 14.90
CA ALA A 553 -12.71 25.23 15.99
C ALA A 553 -11.99 24.19 16.86
N ILE A 554 -11.26 23.25 16.24
CA ILE A 554 -10.58 22.23 17.02
C ILE A 554 -9.46 22.85 17.88
N HIS A 555 -8.63 23.67 17.30
CA HIS A 555 -7.42 24.07 17.98
C HIS A 555 -7.52 25.39 18.69
N PHE A 556 -8.67 26.05 18.59
CA PHE A 556 -8.87 27.27 19.35
C PHE A 556 -8.50 27.00 20.78
N PRO A 557 -7.82 27.93 21.45
CA PRO A 557 -7.36 29.27 21.08
C PRO A 557 -6.05 29.38 20.24
N GLN A 558 -5.39 28.28 19.90
CA GLN A 558 -4.25 28.38 19.02
C GLN A 558 -4.76 28.76 17.61
N PRO A 559 -4.02 29.64 16.89
CA PRO A 559 -4.31 29.92 15.48
C PRO A 559 -3.80 28.82 14.57
N LEU A 560 -4.28 28.81 13.34
CA LEU A 560 -3.73 27.99 12.27
C LEU A 560 -2.27 28.31 11.86
N SER A 561 -1.33 27.54 12.37
CA SER A 561 0.02 27.51 11.83
C SER A 561 0.12 26.55 10.69
N ASP A 562 1.25 26.59 9.99
CA ASP A 562 1.53 25.63 8.93
C ASP A 562 1.66 24.21 9.48
N ASP A 563 2.22 24.04 10.68
CA ASP A 563 2.40 22.74 11.32
C ASP A 563 1.00 22.10 11.49
N ILE A 564 0.12 22.85 12.15
CA ILE A 564 -1.22 22.39 12.35
C ILE A 564 -1.83 22.05 11.02
N ARG A 565 -1.70 22.88 10.00
CA ARG A 565 -2.33 22.53 8.72
C ARG A 565 -1.85 21.21 8.13
N ALA A 566 -0.57 20.93 8.37
CA ALA A 566 0.14 19.78 7.80
C ALA A 566 0.06 18.58 8.72
N ALA A 567 -0.53 18.75 9.88
CA ALA A 567 -0.47 17.72 10.89
C ALA A 567 -1.22 16.48 10.39
N PRO A 568 -0.81 15.29 10.86
CA PRO A 568 -1.61 14.12 10.61
C PRO A 568 -3.00 14.23 11.25
N ILE A 569 -3.97 13.65 10.59
CA ILE A 569 -5.31 13.69 11.08
C ILE A 569 -5.44 13.22 12.53
N SER A 570 -4.54 12.35 13.00
CA SER A 570 -4.58 11.94 14.44
C SER A 570 -4.30 13.06 15.45
N CYS A 571 -3.49 14.05 15.09
CA CYS A 571 -3.28 15.24 15.98
C CYS A 571 -4.59 16.02 16.14
N HIS A 572 -5.35 16.18 15.06
CA HIS A 572 -6.61 16.89 15.21
C HIS A 572 -7.59 16.11 16.07
N VAL A 573 -7.71 14.82 15.78
CA VAL A 573 -8.57 13.91 16.53
C VAL A 573 -8.28 13.99 18.05
N GLN A 574 -7.03 13.83 18.43
CA GLN A 574 -6.65 13.86 19.84
C GLN A 574 -7.14 15.12 20.57
N VAL A 575 -7.01 16.28 19.91
CA VAL A 575 -7.48 17.55 20.47
C VAL A 575 -9.00 17.71 20.44
N ALA A 576 -9.66 17.48 19.30
CA ALA A 576 -11.15 17.58 19.22
C ALA A 576 -11.91 16.59 20.12
N HIS A 577 -11.31 15.44 20.33
CA HIS A 577 -11.88 14.46 21.19
C HIS A 577 -12.26 15.03 22.55
N GLU A 578 -11.48 15.98 23.05
CA GLU A 578 -11.72 16.54 24.38
C GLU A 578 -12.68 17.72 24.36
N LYS A 579 -13.00 18.29 23.21
CA LYS A 579 -13.82 19.49 23.22
C LYS A 579 -15.30 19.16 23.01
N GLU A 580 -16.15 20.17 23.22
CA GLU A 580 -17.59 20.10 23.02
C GLU A 580 -17.97 20.99 21.87
N GLN A 581 -19.02 20.64 21.14
CA GLN A 581 -19.59 21.50 20.14
C GLN A 581 -18.60 21.95 19.03
N VAL A 582 -17.46 21.31 18.93
CA VAL A 582 -16.58 21.54 17.79
C VAL A 582 -17.36 21.78 16.51
N ILE A 583 -18.15 20.81 16.07
CA ILE A 583 -18.75 20.96 14.74
C ILE A 583 -19.77 22.08 14.60
N PRO A 584 -20.69 22.23 15.56
CA PRO A 584 -21.59 23.37 15.48
C PRO A 584 -20.88 24.77 15.51
N ILE A 585 -19.85 24.93 16.35
CA ILE A 585 -19.04 26.16 16.33
C ILE A 585 -18.43 26.40 14.95
N ALA A 586 -17.88 25.36 14.36
CA ALA A 586 -17.27 25.46 13.05
C ALA A 586 -18.29 25.84 12.00
N LEU A 587 -19.49 25.30 12.10
CA LEU A 587 -20.50 25.59 11.13
C LEU A 587 -21.00 27.02 11.31
N LEU A 588 -21.11 27.47 12.56
CA LEU A 588 -21.54 28.85 12.82
C LEU A 588 -20.51 29.85 12.28
N SER A 589 -19.24 29.69 12.63
CA SER A 589 -18.18 30.49 12.01
C SER A 589 -18.42 30.67 10.52
N LEU A 590 -18.78 29.61 9.81
CA LEU A 590 -18.95 29.63 8.38
C LEU A 590 -20.20 30.36 7.93
N LEU A 591 -21.34 30.01 8.54
CA LEU A 591 -22.61 30.59 8.10
C LEU A 591 -22.59 32.09 8.29
N PHE A 592 -22.06 32.55 9.41
CA PHE A 592 -21.93 33.98 9.72
C PHE A 592 -20.68 34.69 9.13
N ARG A 593 -19.80 33.91 8.51
CA ARG A 593 -18.53 34.37 7.98
C ARG A 593 -17.73 35.10 9.05
N CYS A 594 -17.80 34.57 10.26
CA CYS A 594 -17.22 35.19 11.46
C CYS A 594 -16.15 34.31 12.09
N SER A 595 -15.52 34.83 13.14
CA SER A 595 -14.43 34.17 13.80
C SER A 595 -14.95 33.12 14.81
N ILE A 596 -14.06 32.28 15.32
CA ILE A 596 -14.41 31.31 16.34
C ILE A 596 -14.82 32.03 17.64
N THR A 597 -14.11 33.10 17.99
CA THR A 597 -14.46 33.93 19.15
C THR A 597 -15.91 34.43 19.03
N GLU A 598 -16.27 34.92 17.85
CA GLU A 598 -17.62 35.41 17.58
C GLU A 598 -18.70 34.31 17.56
N ALA A 599 -18.37 33.13 17.06
CA ALA A 599 -19.34 32.06 16.97
C ALA A 599 -19.52 31.34 18.29
N GLN A 600 -18.46 31.14 19.08
CA GLN A 600 -18.61 30.72 20.49
C GLN A 600 -19.52 31.63 21.31
N ALA A 601 -19.37 32.95 21.14
CA ALA A 601 -20.12 33.88 21.95
C ALA A 601 -21.58 33.76 21.53
N HIS A 602 -21.83 33.63 20.24
CA HIS A 602 -23.17 33.51 19.73
C HIS A 602 -23.83 32.26 20.29
N LEU A 603 -23.14 31.14 20.15
CA LEU A 603 -23.67 29.91 20.66
C LEU A 603 -24.09 30.04 22.10
N ALA A 604 -23.20 30.52 22.96
CA ALA A 604 -23.49 30.68 24.39
C ALA A 604 -24.62 31.64 24.68
N ALA A 605 -24.97 32.49 23.72
CA ALA A 605 -26.06 33.45 23.87
C ALA A 605 -27.39 32.87 23.37
N ALA A 606 -27.37 31.69 22.75
CA ALA A 606 -28.60 31.08 22.27
C ALA A 606 -29.11 30.05 23.31
N PRO A 607 -30.45 29.84 23.33
CA PRO A 607 -31.02 28.83 24.22
C PRO A 607 -30.36 27.45 24.06
N SER A 608 -30.11 27.02 22.83
CA SER A 608 -29.47 25.70 22.66
C SER A 608 -28.71 25.51 21.35
N VAL A 609 -27.82 24.52 21.37
CA VAL A 609 -27.03 24.18 20.20
C VAL A 609 -27.98 24.05 19.00
N CYS A 610 -29.05 23.25 19.18
CA CYS A 610 -30.05 22.96 18.14
C CYS A 610 -30.71 24.21 17.59
N GLU A 611 -31.06 25.15 18.46
CA GLU A 611 -31.78 26.34 18.01
C GLU A 611 -30.78 27.25 17.36
N ALA A 612 -29.58 27.28 17.89
CA ALA A 612 -28.50 28.10 17.31
C ALA A 612 -28.19 27.68 15.89
N VAL A 613 -27.88 26.40 15.72
CA VAL A 613 -27.56 25.87 14.39
C VAL A 613 -28.75 26.03 13.46
N ARG A 614 -29.89 25.53 13.87
CA ARG A 614 -31.10 25.52 13.01
C ARG A 614 -31.60 26.89 12.53
N SER A 615 -31.43 27.89 13.38
CA SER A 615 -31.87 29.23 13.07
C SER A 615 -30.76 29.97 12.36
N ALA A 616 -29.50 29.57 12.51
CA ALA A 616 -28.48 30.07 11.56
C ALA A 616 -28.65 29.46 10.17
N LEU A 617 -29.15 28.24 10.08
CA LEU A 617 -29.43 27.69 8.77
C LEU A 617 -30.55 28.41 8.05
N ALA A 618 -31.44 29.09 8.78
CA ALA A 618 -32.69 29.66 8.19
C ALA A 618 -32.58 31.01 7.43
N MET B 13 -14.82 -2.27 -19.13
CA MET B 13 -13.96 -3.11 -20.00
C MET B 13 -12.95 -3.88 -19.16
N PRO B 14 -12.50 -5.08 -19.65
CA PRO B 14 -11.38 -5.79 -19.02
C PRO B 14 -10.01 -5.35 -19.56
N GLY B 15 -9.00 -5.43 -18.72
CA GLY B 15 -7.75 -4.70 -18.90
C GLY B 15 -7.79 -3.34 -18.24
N THR B 16 -8.97 -2.88 -17.80
CA THR B 16 -9.04 -1.52 -17.24
C THR B 16 -8.29 -1.38 -15.90
N LYS B 17 -8.44 -2.33 -14.99
CA LYS B 17 -7.60 -2.29 -13.79
C LYS B 17 -6.13 -2.09 -14.14
N ARG B 18 -5.63 -2.81 -15.12
CA ARG B 18 -4.18 -2.89 -15.34
C ARG B 18 -3.66 -1.68 -16.08
N PHE B 19 -4.52 -0.94 -16.80
CA PHE B 19 -4.01 0.13 -17.67
C PHE B 19 -4.54 1.52 -17.37
N GLN B 20 -5.38 1.67 -16.35
CA GLN B 20 -5.97 2.99 -15.99
C GLN B 20 -4.90 4.02 -15.80
N HIS B 21 -3.91 3.66 -15.00
CA HIS B 21 -2.87 4.60 -14.60
C HIS B 21 -2.09 5.22 -15.78
N VAL B 22 -1.91 4.46 -16.87
CA VAL B 22 -1.08 4.88 -18.01
C VAL B 22 -1.62 6.19 -18.55
N ILE B 23 -0.72 7.13 -18.88
CA ILE B 23 -1.16 8.40 -19.42
C ILE B 23 -1.42 8.39 -20.92
N GLU B 24 -2.58 8.94 -21.30
CA GLU B 24 -2.99 9.02 -22.70
C GLU B 24 -1.91 9.65 -23.57
N THR B 25 -1.83 9.18 -24.81
CA THR B 25 -0.94 9.70 -25.77
C THR B 25 -1.45 11.10 -26.12
N PRO B 26 -0.59 12.10 -26.02
CA PRO B 26 -0.98 13.46 -26.40
C PRO B 26 -1.18 13.52 -27.90
N GLU B 27 -1.49 14.70 -28.43
CA GLU B 27 -1.66 14.85 -29.87
C GLU B 27 -0.58 15.75 -30.37
N PRO B 28 -0.33 15.70 -31.68
CA PRO B 28 0.89 16.36 -32.22
C PRO B 28 0.96 17.81 -31.78
N GLY B 29 2.14 18.23 -31.31
CA GLY B 29 2.33 19.57 -30.76
C GLY B 29 1.94 19.73 -29.29
N LYS B 30 1.08 18.85 -28.79
CA LYS B 30 0.59 18.96 -27.42
C LYS B 30 1.38 18.12 -26.38
N TRP B 31 2.50 17.52 -26.74
CA TRP B 31 3.25 16.70 -25.76
C TRP B 31 3.70 17.56 -24.59
N GLU B 32 3.99 18.83 -24.86
CA GLU B 32 4.33 19.78 -23.81
C GLU B 32 3.11 20.29 -23.06
N LEU B 33 2.18 20.90 -23.80
CA LEU B 33 0.98 21.55 -23.21
C LEU B 33 0.06 20.54 -22.50
N SER B 34 0.02 19.30 -22.97
CA SER B 34 -0.72 18.26 -22.27
C SER B 34 -0.15 18.05 -20.88
N GLY B 35 1.09 18.51 -20.65
CA GLY B 35 1.77 18.24 -19.38
C GLY B 35 2.26 16.78 -19.29
N TYR B 36 2.30 16.06 -20.41
CA TYR B 36 2.77 14.68 -20.47
C TYR B 36 4.30 14.64 -20.12
N GLU B 37 5.11 15.38 -20.89
CA GLU B 37 6.58 15.47 -20.61
C GLU B 37 6.90 15.69 -19.16
N ALA B 38 6.21 16.62 -18.53
CA ALA B 38 6.60 16.99 -17.16
C ALA B 38 6.40 15.86 -16.21
N ALA B 39 5.46 14.96 -16.51
CA ALA B 39 5.25 13.76 -15.71
C ALA B 39 6.12 12.49 -16.10
N VAL B 40 6.94 12.60 -17.12
CA VAL B 40 7.80 11.49 -17.44
C VAL B 40 8.90 11.49 -16.40
N PRO B 41 9.08 10.34 -15.71
CA PRO B 41 10.11 10.37 -14.68
C PRO B 41 11.48 10.73 -15.25
N ILE B 42 12.31 11.39 -14.45
CA ILE B 42 13.62 11.88 -14.98
C ILE B 42 14.43 10.70 -15.46
N THR B 43 14.32 9.59 -14.74
CA THR B 43 15.14 8.44 -14.98
C THR B 43 14.69 7.79 -16.25
N GLU B 44 13.45 8.05 -16.69
CA GLU B 44 12.99 7.64 -18.03
C GLU B 44 13.07 8.68 -19.15
N LYS B 45 13.23 9.97 -18.84
CA LYS B 45 13.13 10.96 -19.91
C LYS B 45 14.21 10.74 -20.92
N SER B 46 13.86 11.03 -22.17
CA SER B 46 14.78 11.45 -23.20
C SER B 46 15.57 12.63 -22.70
N ASN B 47 16.87 12.56 -22.90
CA ASN B 47 17.75 13.65 -22.56
C ASN B 47 17.90 14.58 -23.77
N PRO B 48 17.51 15.83 -23.62
CA PRO B 48 17.60 16.70 -24.84
C PRO B 48 19.03 16.77 -25.46
N LEU B 49 20.06 16.60 -24.63
CA LEU B 49 21.41 16.58 -25.18
C LEU B 49 21.60 15.46 -26.22
N THR B 50 20.83 14.37 -26.10
CA THR B 50 21.12 13.16 -26.86
C THR B 50 20.11 12.79 -27.95
N GLN B 51 19.21 13.72 -28.22
CA GLN B 51 18.16 13.55 -29.23
C GLN B 51 18.64 13.04 -30.62
N ASP B 52 19.86 13.36 -31.01
CA ASP B 52 20.39 12.89 -32.29
C ASP B 52 21.61 11.99 -32.03
N LEU B 53 21.56 11.18 -31.00
CA LEU B 53 22.71 10.35 -30.69
C LEU B 53 22.90 9.30 -31.81
N ASP B 54 21.80 8.87 -32.41
CA ASP B 54 21.84 7.89 -33.47
C ASP B 54 22.49 8.44 -34.76
N LYS B 55 22.62 9.78 -34.86
CA LYS B 55 23.30 10.43 -35.98
C LYS B 55 24.74 10.84 -35.68
N ALA B 56 25.21 10.65 -34.45
CA ALA B 56 26.50 11.19 -34.03
C ALA B 56 27.65 10.19 -34.26
N ASP B 57 28.82 10.71 -34.64
CA ASP B 57 30.04 9.91 -34.76
C ASP B 57 30.67 9.66 -33.38
N ALA B 58 31.70 8.83 -33.33
CA ALA B 58 32.23 8.36 -32.07
C ALA B 58 32.61 9.50 -31.16
N GLU B 59 33.32 10.47 -31.73
CA GLU B 59 33.90 11.56 -30.94
C GLU B 59 32.77 12.44 -30.38
N ASN B 60 31.74 12.66 -31.18
CA ASN B 60 30.53 13.25 -30.65
C ASN B 60 29.79 12.42 -29.60
N ILE B 61 29.71 11.11 -29.77
CA ILE B 61 29.08 10.28 -28.73
C ILE B 61 29.79 10.42 -27.38
N VAL B 62 31.11 10.33 -27.39
CA VAL B 62 31.88 10.53 -26.14
C VAL B 62 31.67 11.94 -25.51
N ARG B 63 31.62 12.97 -26.34
CA ARG B 63 31.38 14.33 -25.87
C ARG B 63 29.99 14.36 -25.15
N LEU B 64 28.97 13.86 -25.82
CA LEU B 64 27.59 13.94 -25.32
C LEU B 64 27.41 13.14 -24.03
N LEU B 65 27.87 11.89 -24.01
CA LEU B 65 27.76 11.12 -22.75
C LEU B 65 28.55 11.71 -21.65
N GLY B 66 29.74 12.23 -21.99
CA GLY B 66 30.55 12.92 -20.99
C GLY B 66 29.77 14.09 -20.40
N GLN B 67 29.07 14.85 -21.23
CA GLN B 67 28.24 15.96 -20.72
C GLN B 67 27.07 15.42 -19.86
N CYS B 68 26.41 14.34 -20.32
CA CYS B 68 25.32 13.71 -19.53
C CYS B 68 25.78 13.32 -18.14
N ASP B 69 26.95 12.71 -18.07
CA ASP B 69 27.60 12.33 -16.79
C ASP B 69 27.94 13.55 -15.90
N ALA B 70 28.39 14.63 -16.51
CA ALA B 70 28.67 15.88 -15.75
C ALA B 70 27.41 16.36 -15.05
N GLU B 71 26.22 16.04 -15.60
CA GLU B 71 24.95 16.55 -15.03
C GLU B 71 24.78 16.04 -13.61
N ILE B 72 25.49 14.98 -13.28
CA ILE B 72 25.49 14.47 -11.93
C ILE B 72 25.86 15.50 -10.86
N PHE B 73 26.90 16.29 -11.14
CA PHE B 73 27.50 17.22 -10.17
C PHE B 73 27.03 18.68 -10.41
N GLN B 74 26.26 18.87 -11.46
CA GLN B 74 25.61 20.14 -11.72
C GLN B 74 24.66 20.68 -10.61
N GLU B 75 24.81 21.96 -10.26
CA GLU B 75 24.08 22.54 -9.12
C GLU B 75 22.65 22.93 -9.48
N GLU B 76 21.81 22.97 -8.45
CA GLU B 76 20.40 23.38 -8.60
C GLU B 76 20.36 24.84 -9.04
N GLY B 77 19.54 25.14 -10.06
CA GLY B 77 19.35 26.52 -10.52
C GLY B 77 18.27 27.26 -9.74
N GLN B 78 17.52 28.11 -10.44
CA GLN B 78 16.37 28.86 -9.86
C GLN B 78 15.24 28.99 -10.89
N SER B 81 10.27 25.10 -8.75
CA SER B 81 10.58 25.30 -10.16
C SER B 81 11.64 24.31 -10.70
N THR B 82 12.58 23.92 -9.83
CA THR B 82 13.69 23.01 -10.13
C THR B 82 13.75 21.90 -9.09
N TYR B 83 14.32 20.75 -9.45
CA TYR B 83 14.42 19.62 -8.49
C TYR B 83 15.75 19.67 -7.74
N GLN B 84 15.71 19.23 -6.50
CA GLN B 84 16.88 19.11 -5.64
C GLN B 84 18.00 18.26 -6.30
N ARG B 85 19.28 18.56 -6.00
CA ARG B 85 20.45 17.99 -6.70
C ARG B 85 21.54 17.58 -5.73
N LEU B 86 22.63 16.97 -6.23
CA LEU B 86 23.63 16.37 -5.34
C LEU B 86 24.19 17.32 -4.28
N TYR B 87 24.60 18.50 -4.73
CA TYR B 87 25.15 19.57 -3.88
C TYR B 87 24.12 20.44 -3.15
N SER B 88 22.83 20.21 -3.40
CA SER B 88 21.82 20.95 -2.68
C SER B 88 21.89 20.63 -1.21
N GLU B 89 21.57 21.62 -0.42
CA GLU B 89 21.73 21.60 1.02
C GLU B 89 20.84 20.52 1.70
N SER B 90 19.64 20.29 1.17
CA SER B 90 18.78 19.27 1.74
C SER B 90 19.42 17.90 1.52
N ILE B 91 20.03 17.70 0.34
CA ILE B 91 20.69 16.42 0.07
C ILE B 91 21.94 16.23 0.91
N LEU B 92 22.83 17.24 0.96
CA LEU B 92 24.02 17.19 1.84
C LEU B 92 23.60 17.01 3.28
N THR B 93 22.55 17.66 3.71
CA THR B 93 22.06 17.41 5.09
C THR B 93 21.61 15.95 5.25
N THR B 94 20.83 15.45 4.32
CA THR B 94 20.40 14.06 4.44
C THR B 94 21.62 13.12 4.44
N MET B 95 22.63 13.43 3.62
CA MET B 95 23.84 12.59 3.59
C MET B 95 24.47 12.52 4.94
N VAL B 96 24.55 13.66 5.62
CA VAL B 96 25.28 13.73 6.88
C VAL B 96 24.53 13.01 7.98
N GLN B 97 23.22 13.22 8.07
CA GLN B 97 22.39 12.56 9.10
C GLN B 97 22.53 11.03 8.99
N VAL B 98 22.41 10.53 7.75
CA VAL B 98 22.62 9.11 7.47
C VAL B 98 24.03 8.59 7.82
N ALA B 99 25.09 9.36 7.54
CA ALA B 99 26.44 8.98 8.03
C ALA B 99 26.43 8.81 9.53
N GLY B 100 25.75 9.73 10.23
CA GLY B 100 25.62 9.68 11.67
C GLY B 100 24.88 8.47 12.21
N LYS B 101 23.90 7.97 11.46
CA LYS B 101 23.20 6.75 11.88
C LYS B 101 24.07 5.53 11.62
N VAL B 102 24.87 5.59 10.56
CA VAL B 102 25.78 4.53 10.30
C VAL B 102 26.84 4.55 11.38
N GLN B 103 27.24 5.76 11.79
CA GLN B 103 28.19 5.88 12.91
C GLN B 103 27.69 5.26 14.21
N GLU B 104 26.39 5.39 14.50
CA GLU B 104 25.86 4.81 15.74
C GLU B 104 26.10 3.31 15.71
N VAL B 105 25.97 2.73 14.52
CA VAL B 105 26.08 1.29 14.37
C VAL B 105 27.51 0.84 14.38
N LEU B 106 28.40 1.55 13.68
CA LEU B 106 29.85 1.34 13.80
C LEU B 106 30.33 1.26 15.27
N LYS B 107 29.81 2.14 16.12
CA LYS B 107 30.20 2.20 17.54
C LYS B 107 29.69 1.05 18.41
N GLU B 108 28.64 0.34 18.01
CA GLU B 108 28.10 -0.78 18.79
C GLU B 108 27.74 -1.95 17.89
N PRO B 109 28.76 -2.62 17.31
CA PRO B 109 28.62 -3.71 16.32
C PRO B 109 28.02 -5.04 16.80
N ASP B 110 27.81 -5.25 18.09
CA ASP B 110 27.12 -6.47 18.52
C ASP B 110 25.66 -6.36 18.02
N GLY B 111 25.35 -7.19 17.02
CA GLY B 111 24.01 -7.21 16.46
C GLY B 111 23.74 -6.15 15.39
N GLY B 112 24.79 -5.54 14.85
CA GLY B 112 24.61 -4.46 13.92
C GLY B 112 24.83 -4.99 12.55
N LEU B 113 24.07 -4.49 11.59
CA LEU B 113 24.30 -4.87 10.20
C LEU B 113 24.06 -3.65 9.33
N VAL B 114 24.83 -3.52 8.27
CA VAL B 114 24.45 -2.51 7.30
C VAL B 114 24.23 -3.20 5.99
N VAL B 115 23.02 -3.05 5.44
CA VAL B 115 22.65 -3.75 4.20
C VAL B 115 22.51 -2.80 3.00
N LEU B 116 23.15 -3.13 1.88
CA LEU B 116 22.99 -2.42 0.65
C LEU B 116 22.20 -3.33 -0.30
N SER B 117 21.04 -2.87 -0.82
CA SER B 117 20.14 -3.72 -1.62
C SER B 117 19.61 -3.14 -2.93
N GLY B 118 19.52 -3.93 -4.00
CA GLY B 118 18.87 -3.46 -5.22
C GLY B 118 18.77 -4.53 -6.29
N GLY B 119 17.99 -4.25 -7.33
CA GLY B 119 17.96 -5.08 -8.54
C GLY B 119 18.99 -4.65 -9.58
N GLY B 120 19.39 -5.55 -10.47
CA GLY B 120 20.25 -5.18 -11.61
C GLY B 120 21.46 -4.37 -11.16
N THR B 121 21.78 -3.32 -11.89
CA THR B 121 23.01 -2.59 -11.62
C THR B 121 22.99 -2.02 -10.21
N SER B 122 21.82 -1.76 -9.66
CA SER B 122 21.78 -1.22 -8.34
C SER B 122 22.26 -2.25 -7.36
N GLY B 123 21.98 -3.53 -7.67
CA GLY B 123 22.45 -4.63 -6.88
C GLY B 123 23.93 -4.87 -7.15
N ARG B 124 24.35 -4.72 -8.38
CA ARG B 124 25.75 -4.85 -8.67
C ARG B 124 26.57 -3.84 -7.89
N MET B 125 26.12 -2.59 -7.87
CA MET B 125 26.86 -1.52 -7.19
C MET B 125 26.87 -1.77 -5.70
N ALA B 126 25.75 -2.22 -5.16
CA ALA B 126 25.70 -2.65 -3.77
C ALA B 126 26.77 -3.66 -3.41
N PHE B 127 27.02 -4.60 -4.32
CA PHE B 127 27.95 -5.64 -4.01
C PHE B 127 29.36 -5.07 -3.91
N LEU B 128 29.77 -4.30 -4.90
CA LEU B 128 31.10 -3.71 -4.83
C LEU B 128 31.30 -2.93 -3.53
N MET B 129 30.36 -2.10 -3.18
CA MET B 129 30.56 -1.20 -2.07
C MET B 129 30.63 -2.00 -0.82
N SER B 130 29.79 -3.02 -0.69
CA SER B 130 29.85 -3.84 0.52
C SER B 130 31.29 -4.46 0.69
N VAL B 131 31.90 -4.91 -0.38
CA VAL B 131 33.23 -5.47 -0.34
C VAL B 131 34.23 -4.39 0.05
N SER B 132 34.20 -3.26 -0.64
CA SER B 132 35.05 -2.14 -0.30
C SER B 132 34.95 -1.72 1.17
N PHE B 133 33.76 -1.61 1.74
CA PHE B 133 33.71 -1.17 3.13
C PHE B 133 33.95 -2.27 4.14
N ASN B 134 33.62 -3.54 3.80
CA ASN B 134 34.07 -4.65 4.64
C ASN B 134 35.63 -4.75 4.62
N GLN B 135 36.31 -4.52 3.48
CA GLN B 135 37.76 -4.38 3.47
C GLN B 135 38.25 -3.31 4.47
N LEU B 136 37.62 -2.15 4.44
CA LEU B 136 37.99 -1.06 5.32
C LEU B 136 37.90 -1.40 6.80
N MET B 137 36.86 -2.08 7.23
CA MET B 137 36.80 -2.44 8.63
C MET B 137 37.84 -3.56 8.97
N LYS B 138 38.13 -4.44 8.02
CA LYS B 138 39.13 -5.48 8.18
C LYS B 138 40.52 -4.83 8.47
N GLY B 139 40.96 -3.93 7.58
CA GLY B 139 42.15 -3.14 7.81
C GLY B 139 42.18 -2.25 9.07
N LEU B 140 41.18 -2.37 9.95
CA LEU B 140 41.22 -1.73 11.25
C LEU B 140 41.00 -2.77 12.33
N GLY B 141 41.12 -4.04 11.95
CA GLY B 141 40.75 -5.15 12.82
C GLY B 141 39.43 -4.89 13.51
N GLN B 142 38.41 -4.64 12.70
CA GLN B 142 37.01 -4.51 13.16
C GLN B 142 36.16 -5.60 12.48
N LYS B 143 35.14 -6.08 13.18
CA LYS B 143 34.20 -7.01 12.55
C LYS B 143 33.54 -6.35 11.29
N PRO B 144 33.56 -7.02 10.14
CA PRO B 144 32.83 -6.48 8.97
C PRO B 144 31.31 -6.38 9.22
N LEU B 145 30.72 -5.20 9.04
CA LEU B 145 29.31 -5.03 9.28
C LEU B 145 28.43 -4.93 8.00
N TYR B 146 29.01 -4.91 6.81
CA TYR B 146 28.24 -4.70 5.59
C TYR B 146 27.87 -6.01 4.91
N THR B 147 26.74 -6.01 4.21
CA THR B 147 26.39 -7.07 3.29
C THR B 147 25.60 -6.52 2.14
N TYR B 148 25.35 -7.37 1.15
CA TYR B 148 24.61 -6.93 -0.02
C TYR B 148 23.43 -7.89 -0.32
N LEU B 149 22.36 -7.35 -0.90
CA LEU B 149 21.27 -8.12 -1.46
C LEU B 149 21.11 -7.69 -2.91
N ILE B 150 20.90 -8.64 -3.79
CA ILE B 150 20.57 -8.33 -5.14
C ILE B 150 19.40 -9.23 -5.57
N ALA B 151 18.48 -8.67 -6.34
CA ALA B 151 17.34 -9.40 -6.83
C ALA B 151 17.86 -10.63 -7.51
N GLY B 152 17.47 -11.77 -6.94
CA GLY B 152 17.63 -13.09 -7.55
C GLY B 152 18.76 -13.88 -6.91
N GLY B 153 19.26 -13.41 -5.77
CA GLY B 153 20.47 -13.94 -5.10
C GLY B 153 21.77 -13.69 -5.85
N ASP B 154 22.86 -14.31 -5.37
CA ASP B 154 24.24 -13.83 -5.59
C ASP B 154 24.74 -14.02 -6.98
N ARG B 155 24.21 -15.03 -7.64
CA ARG B 155 24.48 -15.21 -9.07
C ARG B 155 24.01 -14.00 -9.91
N SER B 156 23.03 -13.21 -9.42
CA SER B 156 22.61 -12.03 -10.20
C SER B 156 23.75 -11.03 -10.42
N VAL B 157 24.73 -11.02 -9.50
CA VAL B 157 25.83 -10.04 -9.57
C VAL B 157 26.52 -9.96 -10.92
N VAL B 158 26.74 -11.10 -11.58
CA VAL B 158 27.45 -11.14 -12.86
C VAL B 158 26.64 -11.80 -13.98
N ALA B 159 25.31 -11.70 -13.88
CA ALA B 159 24.39 -12.24 -14.89
C ALA B 159 23.30 -11.25 -15.32
N SER B 160 22.76 -11.44 -16.52
CA SER B 160 21.57 -10.71 -16.93
C SER B 160 20.35 -11.42 -16.43
N ARG B 161 19.69 -10.87 -15.42
CA ARG B 161 18.53 -11.51 -14.80
C ARG B 161 17.45 -10.48 -14.41
N GLU B 162 16.99 -9.77 -15.44
CA GLU B 162 16.13 -8.57 -15.31
C GLU B 162 14.75 -8.90 -14.74
N GLY B 163 14.33 -10.18 -14.84
CA GLY B 163 13.02 -10.63 -14.28
C GLY B 163 12.89 -10.75 -12.78
N THR B 164 14.01 -10.73 -12.04
CA THR B 164 13.98 -10.97 -10.58
C THR B 164 13.56 -9.82 -9.66
N GLU B 165 13.44 -8.63 -10.25
CA GLU B 165 13.21 -7.41 -9.45
C GLU B 165 11.72 -7.10 -9.10
N ASP B 166 10.83 -7.94 -9.64
CA ASP B 166 9.38 -7.66 -9.69
C ASP B 166 8.62 -8.14 -8.48
N SER B 167 9.26 -8.79 -7.55
CA SER B 167 8.53 -9.38 -6.40
C SER B 167 8.97 -8.71 -5.14
N ALA B 168 8.00 -8.19 -4.40
CA ALA B 168 8.28 -7.56 -3.13
C ALA B 168 8.55 -8.57 -2.06
N LEU B 169 7.90 -9.73 -2.12
CA LEU B 169 8.09 -10.76 -1.10
C LEU B 169 9.52 -11.33 -1.15
N HIS B 170 10.02 -11.57 -2.35
CA HIS B 170 11.37 -11.96 -2.54
C HIS B 170 12.37 -11.00 -1.91
N GLY B 171 12.14 -9.70 -2.07
CA GLY B 171 12.99 -8.72 -1.43
C GLY B 171 12.99 -8.89 0.08
N ILE B 172 11.80 -9.13 0.60
CA ILE B 172 11.60 -9.25 2.01
C ILE B 172 12.22 -10.50 2.56
N GLU B 173 12.11 -11.60 1.83
CA GLU B 173 12.67 -12.88 2.28
C GLU B 173 14.17 -12.72 2.42
N GLU B 174 14.81 -12.22 1.37
CA GLU B 174 16.25 -12.00 1.40
C GLU B 174 16.72 -11.14 2.58
N LEU B 175 15.93 -10.12 2.92
CA LEU B 175 16.29 -9.21 3.99
C LEU B 175 16.18 -9.97 5.31
N LYS B 176 15.15 -10.79 5.45
CA LYS B 176 14.98 -11.55 6.71
C LYS B 176 16.05 -12.60 6.94
N LYS B 177 16.57 -13.20 5.88
CA LYS B 177 17.64 -14.16 6.03
C LYS B 177 18.84 -13.47 6.62
N VAL B 178 19.22 -12.38 5.98
CA VAL B 178 20.42 -11.65 6.33
C VAL B 178 20.35 -10.97 7.74
N ALA B 179 19.16 -10.62 8.19
CA ALA B 179 18.96 -9.75 9.35
C ALA B 179 18.40 -10.44 10.61
N ALA B 180 18.22 -11.76 10.50
CA ALA B 180 17.65 -12.59 11.54
C ALA B 180 18.51 -12.47 12.80
N GLY B 181 17.86 -12.25 13.94
CA GLY B 181 18.55 -12.11 15.21
C GLY B 181 19.53 -10.96 15.39
N LYS B 182 19.52 -9.96 14.51
CA LYS B 182 20.34 -8.73 14.65
C LYS B 182 19.51 -7.73 15.42
N LYS B 183 20.16 -6.76 16.06
CA LYS B 183 19.42 -5.75 16.85
C LYS B 183 19.30 -4.41 16.13
N ARG B 184 20.33 -4.03 15.37
CA ARG B 184 20.33 -2.77 14.57
C ARG B 184 20.77 -3.02 13.13
N VAL B 185 19.84 -2.83 12.19
CA VAL B 185 20.08 -3.04 10.76
C VAL B 185 19.72 -1.77 9.98
N ILE B 186 20.71 -1.17 9.36
CA ILE B 186 20.43 -0.08 8.42
C ILE B 186 20.28 -0.72 7.05
N VAL B 187 19.19 -0.38 6.35
CA VAL B 187 18.88 -1.00 5.07
C VAL B 187 18.89 0.07 4.03
N ILE B 188 19.93 0.09 3.23
CA ILE B 188 20.04 1.08 2.19
C ILE B 188 19.45 0.48 0.93
N GLY B 189 18.24 0.93 0.60
CA GLY B 189 17.50 0.37 -0.52
C GLY B 189 17.71 1.20 -1.75
N ILE B 190 18.29 0.65 -2.78
CA ILE B 190 18.72 1.42 -3.93
C ILE B 190 17.90 1.10 -5.16
N SER B 191 17.16 2.09 -5.64
CA SER B 191 16.43 1.93 -6.88
C SER B 191 16.44 3.27 -7.55
N VAL B 192 17.18 3.33 -8.63
CA VAL B 192 17.40 4.54 -9.34
C VAL B 192 16.08 5.18 -9.73
N GLY B 193 15.13 4.35 -10.14
CA GLY B 193 13.85 4.85 -10.59
C GLY B 193 12.86 5.13 -9.48
N LEU B 194 13.21 4.83 -8.23
CA LEU B 194 12.22 4.60 -7.21
C LEU B 194 11.12 3.64 -7.82
N SER B 195 11.63 2.51 -8.32
CA SER B 195 10.93 1.62 -9.17
C SER B 195 10.77 0.17 -8.68
N ALA B 196 11.83 -0.41 -8.13
CA ALA B 196 11.92 -1.86 -7.92
C ALA B 196 11.02 -2.38 -6.80
N PRO B 197 10.10 -3.31 -7.13
CA PRO B 197 9.31 -4.04 -6.16
C PRO B 197 10.18 -4.75 -5.12
N PHE B 198 11.30 -5.33 -5.57
CA PHE B 198 12.29 -5.92 -4.65
C PHE B 198 12.62 -4.94 -3.52
N VAL B 199 12.93 -3.68 -3.82
CA VAL B 199 13.28 -2.71 -2.78
C VAL B 199 12.09 -2.17 -2.07
N ALA B 200 11.02 -1.85 -2.80
CA ALA B 200 9.82 -1.29 -2.16
C ALA B 200 9.38 -2.17 -1.00
N GLY B 201 9.37 -3.47 -1.21
CA GLY B 201 8.90 -4.35 -0.10
C GLY B 201 9.77 -4.27 1.15
N GLN B 202 11.08 -4.24 0.91
CA GLN B 202 12.11 -4.14 1.95
C GLN B 202 11.92 -2.88 2.73
N MET B 203 11.68 -1.76 2.01
CA MET B 203 11.56 -0.48 2.70
C MET B 203 10.34 -0.47 3.56
N ASP B 204 9.24 -1.02 3.05
CA ASP B 204 7.97 -1.07 3.81
C ASP B 204 8.07 -1.92 5.09
N CYS B 205 8.62 -3.11 4.94
CA CYS B 205 8.83 -4.01 6.08
C CYS B 205 9.69 -3.33 7.16
N CYS B 206 10.69 -2.56 6.76
CA CYS B 206 11.52 -1.80 7.72
C CYS B 206 10.69 -0.84 8.49
N MET B 207 9.82 -0.11 7.82
CA MET B 207 8.97 0.88 8.56
C MET B 207 8.00 0.21 9.52
N ASN B 208 7.71 -1.09 9.34
CA ASN B 208 6.85 -1.78 10.28
C ASN B 208 7.62 -2.24 11.55
N ASN B 209 8.92 -1.94 11.66
CA ASN B 209 9.73 -2.46 12.77
C ASN B 209 11.03 -1.62 12.97
N THR B 210 10.83 -0.38 13.42
CA THR B 210 11.89 0.63 13.48
C THR B 210 12.80 0.50 14.69
N ALA B 211 12.35 -0.20 15.72
CA ALA B 211 13.23 -0.55 16.85
C ALA B 211 14.51 -1.24 16.34
N VAL B 212 14.38 -2.01 15.27
CA VAL B 212 15.47 -2.77 14.68
C VAL B 212 15.99 -2.12 13.39
N PHE B 213 15.08 -1.77 12.49
CA PHE B 213 15.46 -1.38 11.14
C PHE B 213 15.41 0.14 10.94
N LEU B 214 16.42 0.69 10.29
CA LEU B 214 16.36 2.05 9.76
C LEU B 214 16.47 2.03 8.21
N PRO B 215 15.38 2.31 7.53
CA PRO B 215 15.46 2.22 6.09
C PRO B 215 15.91 3.53 5.44
N VAL B 216 16.80 3.41 4.45
CA VAL B 216 17.36 4.52 3.72
C VAL B 216 17.16 4.25 2.23
N LEU B 217 16.25 4.96 1.58
CA LEU B 217 15.98 4.76 0.17
C LEU B 217 16.82 5.66 -0.66
N VAL B 218 17.38 5.14 -1.74
CA VAL B 218 18.23 5.91 -2.62
C VAL B 218 17.86 5.74 -4.06
N GLY B 219 17.68 6.86 -4.74
CA GLY B 219 17.40 6.84 -6.17
C GLY B 219 17.49 8.25 -6.66
N PHE B 220 16.98 8.50 -7.86
CA PHE B 220 17.25 9.73 -8.57
C PHE B 220 16.02 10.35 -9.22
N ASN B 221 14.88 10.10 -8.60
CA ASN B 221 13.66 10.84 -8.96
C ASN B 221 13.13 11.49 -7.71
N PRO B 222 12.51 12.65 -7.87
CA PRO B 222 11.70 13.14 -6.78
C PRO B 222 10.62 12.13 -6.47
N VAL B 223 10.16 12.16 -5.24
CA VAL B 223 9.15 11.25 -4.79
C VAL B 223 7.85 11.37 -5.51
N SER B 224 7.55 12.54 -6.06
CA SER B 224 6.31 12.71 -6.82
C SER B 224 6.37 12.03 -8.18
N MET B 225 7.54 11.51 -8.55
CA MET B 225 7.69 10.75 -9.76
C MET B 225 8.00 9.31 -9.45
N ALA B 226 7.95 8.90 -8.18
CA ALA B 226 8.20 7.51 -7.83
C ALA B 226 7.13 6.63 -8.43
N ARG B 227 7.52 5.39 -8.67
CA ARG B 227 6.69 4.48 -9.44
C ARG B 227 5.47 4.23 -8.64
N ASN B 228 4.36 4.16 -9.36
CA ASN B 228 3.07 4.14 -8.69
C ASN B 228 2.07 3.14 -9.26
N ASP B 229 2.51 2.22 -10.13
CA ASP B 229 1.63 1.18 -10.65
C ASP B 229 1.65 0.03 -9.69
N PRO B 230 0.55 -0.78 -9.68
CA PRO B 230 0.44 -1.79 -8.62
C PRO B 230 1.53 -2.86 -8.77
N ILE B 231 1.97 -3.37 -7.63
CA ILE B 231 2.96 -4.41 -7.54
C ILE B 231 2.15 -5.65 -7.26
N GLU B 232 2.58 -6.71 -7.90
CA GLU B 232 1.76 -7.85 -8.10
C GLU B 232 1.59 -8.56 -6.77
N ASP B 233 2.64 -8.62 -5.95
CA ASP B 233 2.48 -9.27 -4.66
C ASP B 233 2.49 -8.30 -3.46
N TRP B 234 1.98 -7.09 -3.62
CA TRP B 234 2.15 -6.08 -2.55
C TRP B 234 1.06 -5.02 -2.70
N SER B 235 0.54 -4.55 -1.58
CA SER B 235 -0.68 -3.70 -1.59
C SER B 235 -0.43 -2.21 -1.77
N SER B 236 0.73 -1.74 -1.29
CA SER B 236 1.11 -0.38 -1.50
C SER B 236 2.04 -0.23 -2.72
N THR B 237 2.34 1.00 -3.05
CA THR B 237 2.94 1.35 -4.34
C THR B 237 4.30 1.94 -3.97
N PHE B 238 5.30 1.92 -4.87
CA PHE B 238 6.63 2.51 -4.50
C PHE B 238 6.51 3.96 -3.99
N ARG B 239 5.70 4.78 -4.66
CA ARG B 239 5.41 6.16 -4.23
C ARG B 239 4.88 6.32 -2.82
N GLN B 240 4.07 5.37 -2.38
CA GLN B 240 3.41 5.46 -1.10
C GLN B 240 4.37 5.12 -0.05
N VAL B 241 5.24 4.17 -0.36
CA VAL B 241 6.30 3.76 0.56
C VAL B 241 7.22 4.93 0.70
N ALA B 242 7.62 5.50 -0.41
CA ALA B 242 8.57 6.63 -0.36
C ALA B 242 8.00 7.85 0.35
N GLU B 243 6.73 8.16 0.15
CA GLU B 243 6.05 9.28 0.85
C GLU B 243 6.04 9.02 2.35
N ARG B 244 5.72 7.79 2.74
CA ARG B 244 5.75 7.45 4.14
C ARG B 244 7.16 7.54 4.75
N MET B 245 8.19 7.15 3.99
CA MET B 245 9.57 7.34 4.47
C MET B 245 9.95 8.81 4.61
N GLN B 246 9.51 9.65 3.67
CA GLN B 246 9.74 11.10 3.79
C GLN B 246 9.09 11.69 5.03
N LYS B 247 7.88 11.27 5.36
CA LYS B 247 7.23 11.78 6.57
C LYS B 247 8.02 11.37 7.83
N MET B 248 8.56 10.17 7.83
CA MET B 248 9.29 9.69 8.96
C MET B 248 10.69 10.31 9.11
N GLN B 249 11.26 10.79 8.04
CA GLN B 249 12.54 11.46 8.07
C GLN B 249 12.60 12.60 9.07
N GLU B 250 11.49 13.33 9.22
CA GLU B 250 11.36 14.34 10.29
C GLU B 250 11.81 13.89 11.68
N LYS B 251 11.55 12.64 12.03
CA LYS B 251 11.98 12.03 13.30
C LYS B 251 13.27 11.21 13.13
N GLN B 252 13.95 11.38 12.00
CA GLN B 252 15.12 10.57 11.66
C GLN B 252 14.90 9.03 11.81
N LYS B 253 13.74 8.56 11.39
CA LYS B 253 13.41 7.14 11.43
C LYS B 253 13.40 6.51 10.04
N ALA B 254 13.50 7.34 9.02
CA ALA B 254 13.80 6.84 7.69
C ALA B 254 14.49 7.97 6.90
N PHE B 255 15.07 7.66 5.77
CA PHE B 255 15.65 8.70 4.95
C PHE B 255 15.37 8.37 3.50
N VAL B 256 15.09 9.41 2.74
CA VAL B 256 14.99 9.35 1.32
C VAL B 256 16.10 10.26 0.78
N LEU B 257 17.00 9.69 0.00
CA LEU B 257 18.17 10.39 -0.47
C LEU B 257 18.08 10.29 -1.98
N ASN B 258 17.54 11.35 -2.58
CA ASN B 258 17.11 11.34 -3.99
C ASN B 258 17.41 12.61 -4.80
N PRO B 259 18.68 12.87 -5.05
CA PRO B 259 19.03 13.96 -5.96
C PRO B 259 18.66 13.70 -7.41
N ALA B 260 18.29 14.75 -8.12
CA ALA B 260 18.13 14.67 -9.58
C ALA B 260 19.51 14.82 -10.27
N ILE B 261 19.76 13.95 -11.22
CA ILE B 261 21.01 13.93 -11.94
C ILE B 261 20.84 14.14 -13.41
N GLY B 262 19.60 14.41 -13.78
CA GLY B 262 19.26 14.60 -15.16
C GLY B 262 19.15 13.26 -15.85
N PRO B 263 18.44 13.22 -16.98
CA PRO B 263 18.23 11.95 -17.63
C PRO B 263 19.44 11.22 -18.16
N GLU B 264 19.20 9.97 -18.53
CA GLU B 264 20.27 9.14 -19.06
C GLU B 264 20.47 9.49 -20.49
N GLY B 265 21.72 9.41 -20.93
CA GLY B 265 22.04 9.68 -22.30
C GLY B 265 21.34 8.73 -23.27
N LEU B 266 21.18 7.46 -22.87
CA LEU B 266 20.26 6.51 -23.51
C LEU B 266 19.09 6.33 -22.54
N SER B 267 17.90 6.68 -23.00
CA SER B 267 16.72 6.88 -22.17
C SER B 267 16.46 5.65 -21.38
N GLY B 268 16.44 5.79 -20.07
CA GLY B 268 16.16 4.68 -19.19
C GLY B 268 17.31 3.73 -18.89
N SER B 269 18.48 3.94 -19.46
CA SER B 269 19.59 3.05 -19.19
C SER B 269 20.22 3.42 -17.85
N SER B 270 19.54 3.07 -16.78
CA SER B 270 19.95 3.45 -15.46
C SER B 270 21.25 2.74 -14.97
N ARG B 271 21.74 1.75 -15.71
CA ARG B 271 23.13 1.24 -15.51
C ARG B 271 24.17 2.37 -15.55
N MET B 272 23.86 3.46 -16.23
CA MET B 272 24.82 4.52 -16.54
C MET B 272 24.90 5.56 -15.43
N LYS B 273 24.29 6.74 -15.58
CA LYS B 273 24.44 7.72 -14.55
C LYS B 273 23.88 7.24 -13.24
N GLY B 274 22.78 6.50 -13.30
CA GLY B 274 22.19 6.09 -12.05
C GLY B 274 23.10 5.22 -11.22
N GLY B 275 23.79 4.36 -11.92
CA GLY B 275 24.80 3.51 -11.27
C GLY B 275 26.02 4.27 -10.79
N SER B 276 26.61 5.12 -11.64
CA SER B 276 27.69 6.04 -11.18
C SER B 276 27.27 6.88 -9.98
N ALA B 277 26.17 7.59 -10.12
CA ALA B 277 25.69 8.42 -8.98
C ALA B 277 25.48 7.63 -7.72
N THR B 278 25.04 6.36 -7.84
CA THR B 278 24.86 5.51 -6.65
C THR B 278 26.19 5.34 -5.89
N LYS B 279 27.26 5.00 -6.59
CA LYS B 279 28.58 4.85 -6.00
C LYS B 279 29.03 6.15 -5.39
N ILE B 280 28.95 7.19 -6.21
CA ILE B 280 29.31 8.56 -5.80
C ILE B 280 28.66 8.96 -4.51
N LEU B 281 27.37 8.71 -4.41
CA LEU B 281 26.56 9.14 -3.27
C LEU B 281 26.86 8.31 -2.03
N LEU B 282 26.92 6.98 -2.15
CA LEU B 282 27.05 6.16 -0.95
C LEU B 282 28.53 5.89 -0.49
N GLU B 283 29.48 5.86 -1.42
CA GLU B 283 30.91 5.81 -1.07
C GLU B 283 31.32 7.12 -0.33
N THR B 284 30.94 8.27 -0.88
CA THR B 284 31.09 9.51 -0.16
C THR B 284 30.52 9.38 1.25
N LEU B 285 29.27 8.99 1.33
CA LEU B 285 28.55 9.09 2.60
C LEU B 285 29.14 8.17 3.64
N LEU B 286 29.52 6.96 3.22
CA LEU B 286 29.99 5.96 4.16
C LEU B 286 31.50 6.11 4.41
N LEU B 287 32.27 6.52 3.42
CA LEU B 287 33.65 6.80 3.69
C LEU B 287 33.76 7.93 4.76
N ALA B 288 33.05 9.02 4.55
CA ALA B 288 32.93 10.02 5.59
C ALA B 288 32.47 9.43 6.91
N ALA B 289 31.46 8.56 6.89
CA ALA B 289 30.98 7.95 8.14
C ALA B 289 32.14 7.37 8.96
N HIS B 290 33.03 6.65 8.27
CA HIS B 290 34.11 5.93 8.90
C HIS B 290 35.28 6.84 9.35
N LYS B 291 35.83 7.63 8.41
CA LYS B 291 36.81 8.71 8.70
C LYS B 291 36.48 9.66 9.88
N THR B 292 35.22 9.98 10.09
CA THR B 292 34.85 11.01 11.04
C THR B 292 34.05 10.50 12.22
N VAL B 293 34.30 9.29 12.70
CA VAL B 293 33.66 8.88 13.95
C VAL B 293 34.20 9.75 15.08
N ASP B 294 33.31 10.10 16.01
CA ASP B 294 33.66 10.87 17.22
C ASP B 294 34.37 12.24 16.95
N GLN B 295 34.16 12.82 15.76
CA GLN B 295 34.73 14.14 15.41
C GLN B 295 33.66 15.23 15.24
N GLY B 296 32.39 14.87 15.34
CA GLY B 296 31.34 15.87 15.34
C GLY B 296 30.84 16.14 13.94
N ILE B 297 29.62 16.63 13.86
CA ILE B 297 28.93 16.76 12.58
C ILE B 297 29.69 17.64 11.57
N ALA B 298 30.35 18.70 12.05
CA ALA B 298 31.03 19.64 11.16
C ALA B 298 32.11 18.96 10.31
N ALA B 299 33.00 18.21 10.96
CA ALA B 299 34.02 17.40 10.26
C ALA B 299 33.38 16.43 9.22
N SER B 300 32.19 15.93 9.54
CA SER B 300 31.45 15.05 8.65
C SER B 300 31.05 15.81 7.39
N GLN B 301 30.46 16.99 7.55
CA GLN B 301 30.02 17.81 6.42
C GLN B 301 31.17 18.14 5.52
N ARG B 302 32.27 18.56 6.13
CA ARG B 302 33.44 18.99 5.40
C ARG B 302 33.97 17.81 4.61
N CYS B 303 34.08 16.67 5.27
CA CYS B 303 34.60 15.46 4.61
C CYS B 303 33.69 14.96 3.46
N LEU B 304 32.36 14.97 3.63
CA LEU B 304 31.44 14.71 2.47
C LEU B 304 31.76 15.59 1.25
N LEU B 305 32.01 16.86 1.52
CA LEU B 305 32.25 17.82 0.45
C LEU B 305 33.58 17.57 -0.22
N GLU B 306 34.59 17.22 0.57
CA GLU B 306 35.87 16.86 -0.04
C GLU B 306 35.67 15.74 -1.05
N ILE B 307 35.08 14.65 -0.60
CA ILE B 307 34.97 13.43 -1.41
C ILE B 307 34.12 13.63 -2.66
N LEU B 308 33.04 14.38 -2.55
CA LEU B 308 32.24 14.68 -3.74
C LEU B 308 33.04 15.45 -4.75
N ARG B 309 33.79 16.47 -4.29
CA ARG B 309 34.60 17.29 -5.22
C ARG B 309 35.68 16.43 -5.85
N THR B 310 36.24 15.49 -5.09
CA THR B 310 37.12 14.48 -5.70
C THR B 310 36.44 13.66 -6.82
N PHE B 311 35.26 13.10 -6.55
CA PHE B 311 34.53 12.39 -7.62
C PHE B 311 34.30 13.32 -8.80
N GLU B 312 34.06 14.59 -8.52
CA GLU B 312 33.81 15.50 -9.67
C GLU B 312 35.12 15.71 -10.47
N ARG B 313 36.27 15.77 -9.79
CA ARG B 313 37.57 15.87 -10.54
C ARG B 313 37.71 14.65 -11.44
N ALA B 314 37.46 13.46 -10.86
CA ALA B 314 37.44 12.14 -11.59
C ALA B 314 36.68 12.20 -12.89
N HIS B 315 35.57 12.91 -12.89
CA HIS B 315 34.92 13.14 -14.18
C HIS B 315 35.84 13.81 -15.16
N GLN B 316 36.38 14.99 -14.88
CA GLN B 316 37.16 15.63 -15.97
C GLN B 316 38.47 14.90 -16.15
N VAL B 317 38.99 14.30 -15.09
CA VAL B 317 40.20 13.50 -15.31
C VAL B 317 39.90 12.46 -16.36
N THR B 318 38.81 11.73 -16.17
CA THR B 318 38.43 10.65 -17.08
C THR B 318 38.10 11.18 -18.48
N TYR B 319 37.26 12.21 -18.57
CA TYR B 319 36.91 12.69 -19.90
C TYR B 319 37.98 13.59 -20.54
N SER B 320 39.12 13.80 -19.89
CA SER B 320 40.25 14.44 -20.58
C SER B 320 40.82 13.49 -21.65
N GLN B 321 40.64 12.19 -21.46
CA GLN B 321 40.99 11.20 -22.46
C GLN B 321 39.91 10.98 -23.53
N SER B 322 39.06 11.96 -23.80
CA SER B 322 37.96 11.71 -24.73
C SER B 322 38.38 11.23 -26.14
N PRO B 323 39.46 11.80 -26.73
CA PRO B 323 39.75 11.32 -28.10
C PRO B 323 40.21 9.85 -28.19
N LYS B 324 40.79 9.31 -27.12
CA LYS B 324 41.25 7.91 -27.13
C LYS B 324 40.12 6.94 -26.73
N ILE B 325 39.13 7.48 -26.03
CA ILE B 325 37.89 6.81 -25.79
C ILE B 325 37.12 6.67 -27.12
N ALA B 326 37.07 7.69 -27.94
CA ALA B 326 36.40 7.53 -29.22
C ALA B 326 37.11 6.53 -30.15
N THR B 327 38.43 6.53 -30.08
CA THR B 327 39.24 5.58 -30.87
C THR B 327 38.88 4.15 -30.43
N LEU B 328 38.79 3.90 -29.13
CA LEU B 328 38.50 2.56 -28.70
C LEU B 328 37.08 2.20 -29.16
N MET B 329 36.14 3.14 -29.01
CA MET B 329 34.73 2.91 -29.33
C MET B 329 34.61 2.47 -30.77
N LYS B 330 35.31 3.14 -31.66
CA LYS B 330 35.39 2.71 -33.07
C LYS B 330 35.95 1.30 -33.23
N SER B 331 37.04 0.96 -32.53
CA SER B 331 37.62 -0.39 -32.64
C SER B 331 36.61 -1.42 -32.14
N VAL B 332 36.01 -1.17 -30.98
CA VAL B 332 35.00 -2.09 -30.44
C VAL B 332 33.78 -2.22 -31.36
N SER B 333 33.28 -1.12 -31.90
CA SER B 333 32.14 -1.16 -32.83
C SER B 333 32.41 -1.98 -34.08
N THR B 334 33.51 -1.63 -34.78
CA THR B 334 33.95 -2.33 -35.99
C THR B 334 34.00 -3.84 -35.81
N SER B 335 34.58 -4.27 -34.70
CA SER B 335 34.67 -5.66 -34.34
C SER B 335 33.31 -6.37 -34.33
N LEU B 336 32.31 -5.75 -33.72
CA LEU B 336 30.92 -6.27 -33.72
C LEU B 336 30.22 -6.11 -35.06
N GLU B 337 30.63 -5.10 -35.82
CA GLU B 337 30.12 -4.98 -37.16
C GLU B 337 30.51 -6.16 -38.01
N LYS B 338 31.78 -6.57 -37.93
CA LYS B 338 32.33 -7.70 -38.74
C LYS B 338 32.00 -9.05 -38.09
N LYS B 339 31.00 -9.05 -37.19
CA LYS B 339 30.60 -10.22 -36.39
C LYS B 339 31.71 -10.91 -35.62
N GLY B 340 32.63 -10.09 -35.09
CA GLY B 340 33.63 -10.55 -34.16
C GLY B 340 33.20 -10.29 -32.73
N HIS B 341 34.18 -10.34 -31.82
CA HIS B 341 33.92 -10.26 -30.41
C HIS B 341 34.90 -9.31 -29.73
N VAL B 342 34.62 -9.00 -28.47
CA VAL B 342 35.30 -7.97 -27.72
C VAL B 342 35.51 -8.45 -26.33
N TYR B 343 36.77 -8.39 -25.88
CA TYR B 343 37.21 -8.99 -24.62
C TYR B 343 37.67 -7.85 -23.70
N LEU B 344 37.03 -7.70 -22.57
CA LEU B 344 37.48 -6.73 -21.61
C LEU B 344 38.20 -7.56 -20.58
N VAL B 345 39.52 -7.58 -20.68
CA VAL B 345 40.35 -8.35 -19.75
C VAL B 345 40.89 -7.36 -18.76
N GLY B 346 40.64 -7.62 -17.48
CA GLY B 346 40.97 -6.69 -16.46
C GLY B 346 41.38 -7.28 -15.16
N TRP B 347 42.04 -6.46 -14.34
CA TRP B 347 42.58 -6.97 -13.09
C TRP B 347 41.82 -6.50 -11.91
N GLN B 348 41.74 -7.37 -10.91
CA GLN B 348 41.14 -7.01 -9.66
C GLN B 348 39.68 -6.59 -9.97
N THR B 349 39.26 -5.54 -9.31
CA THR B 349 37.91 -5.14 -9.17
C THR B 349 37.52 -4.39 -10.43
N LEU B 350 38.52 -3.95 -11.17
CA LEU B 350 38.27 -3.35 -12.45
C LEU B 350 37.88 -4.43 -13.48
N GLY B 351 38.33 -5.66 -13.22
CA GLY B 351 37.91 -6.78 -14.00
C GLY B 351 36.46 -7.16 -13.67
N ILE B 352 36.08 -7.07 -12.41
CA ILE B 352 34.68 -7.28 -12.04
C ILE B 352 33.77 -6.27 -12.76
N ILE B 353 34.24 -5.02 -12.91
CA ILE B 353 33.48 -3.96 -13.56
C ILE B 353 33.33 -4.22 -15.03
N ALA B 354 34.40 -4.72 -15.63
CA ALA B 354 34.41 -5.12 -17.03
C ALA B 354 33.40 -6.24 -17.24
N ILE B 355 33.40 -7.20 -16.35
CA ILE B 355 32.44 -8.30 -16.40
C ILE B 355 30.98 -7.78 -16.38
N MET B 356 30.67 -6.87 -15.48
CA MET B 356 29.37 -6.19 -15.43
C MET B 356 29.07 -5.41 -16.69
N ASP B 357 30.02 -4.72 -17.27
CA ASP B 357 29.58 -3.90 -18.40
C ASP B 357 29.05 -4.84 -19.50
N GLY B 358 29.85 -5.85 -19.85
CA GLY B 358 29.56 -6.79 -20.92
C GLY B 358 28.24 -7.55 -20.74
N VAL B 359 27.99 -7.97 -19.54
CA VAL B 359 26.78 -8.68 -19.24
C VAL B 359 25.56 -7.76 -19.45
N GLU B 360 25.76 -6.47 -19.21
CA GLU B 360 24.66 -5.56 -19.24
C GLU B 360 24.28 -5.32 -20.70
N CYS B 361 25.25 -5.44 -21.58
CA CYS B 361 25.02 -5.32 -23.00
C CYS B 361 23.99 -6.32 -23.52
N ILE B 362 23.97 -7.50 -22.90
CA ILE B 362 23.02 -8.58 -23.21
C ILE B 362 21.60 -8.08 -23.21
N HIS B 363 21.18 -7.51 -22.10
CA HIS B 363 19.80 -7.05 -22.01
C HIS B 363 19.60 -5.64 -22.49
N THR B 364 20.64 -4.83 -22.41
CA THR B 364 20.53 -3.46 -22.86
C THR B 364 20.46 -3.38 -24.38
N PHE B 365 21.25 -4.16 -25.10
CA PHE B 365 21.33 -4.01 -26.53
C PHE B 365 20.94 -5.27 -27.32
N GLY B 366 20.48 -6.32 -26.67
CA GLY B 366 20.21 -7.57 -27.42
C GLY B 366 21.46 -8.38 -27.82
N ALA B 367 22.59 -8.09 -27.20
CA ALA B 367 23.83 -8.68 -27.61
C ALA B 367 23.99 -10.08 -27.05
N ASP B 368 24.57 -10.95 -27.85
CA ASP B 368 24.99 -12.26 -27.35
C ASP B 368 26.02 -12.00 -26.24
N PHE B 369 26.07 -12.90 -25.29
CA PHE B 369 27.04 -12.89 -24.21
C PHE B 369 28.51 -12.62 -24.59
N ARG B 370 28.91 -13.09 -25.75
CA ARG B 370 30.33 -13.05 -26.15
C ARG B 370 30.64 -11.80 -26.97
N ASP B 371 29.61 -11.03 -27.29
CA ASP B 371 29.81 -9.80 -28.07
C ASP B 371 30.74 -8.80 -27.34
N VAL B 372 30.44 -8.52 -26.08
CA VAL B 372 31.28 -7.74 -25.22
C VAL B 372 31.39 -8.50 -23.92
N ARG B 373 32.53 -9.17 -23.71
CA ARG B 373 32.65 -10.02 -22.55
C ARG B 373 33.81 -9.63 -21.60
N GLY B 374 33.57 -9.61 -20.30
CA GLY B 374 34.60 -9.27 -19.35
C GLY B 374 35.26 -10.50 -18.75
N PHE B 375 36.54 -10.36 -18.41
CA PHE B 375 37.30 -11.40 -17.69
C PHE B 375 38.03 -10.82 -16.49
N LEU B 376 37.90 -11.52 -15.38
CA LEU B 376 38.74 -11.30 -14.24
C LEU B 376 39.98 -12.22 -14.29
N ILE B 377 41.15 -11.64 -14.59
CA ILE B 377 42.43 -12.37 -14.56
C ILE B 377 43.05 -12.50 -13.20
N GLY B 378 43.18 -13.72 -12.71
CA GLY B 378 43.65 -13.96 -11.34
C GLY B 378 42.57 -13.63 -10.34
N GLN B 393 29.71 -19.42 -11.89
CA GLN B 393 28.65 -20.19 -12.55
C GLN B 393 28.11 -19.51 -13.82
N GLY B 394 27.57 -20.33 -14.72
CA GLY B 394 27.15 -19.89 -16.05
C GLY B 394 28.41 -19.94 -16.89
N PRO B 395 28.60 -19.00 -17.82
CA PRO B 395 29.92 -18.93 -18.40
C PRO B 395 30.98 -18.54 -17.37
N GLN B 396 32.20 -18.97 -17.60
CA GLN B 396 33.29 -18.69 -16.70
C GLN B 396 33.69 -17.21 -16.86
N PHE B 397 34.00 -16.58 -15.71
CA PHE B 397 34.46 -15.18 -15.65
C PHE B 397 35.78 -14.93 -14.90
N THR B 398 36.12 -15.72 -13.88
CA THR B 398 37.45 -15.70 -13.24
C THR B 398 38.46 -16.73 -13.83
N PHE B 399 39.46 -16.25 -14.57
CA PHE B 399 40.53 -17.10 -15.16
C PHE B 399 41.95 -16.81 -14.65
N SER B 400 42.63 -17.82 -14.08
CA SER B 400 44.11 -17.77 -13.95
C SER B 400 44.75 -17.36 -15.27
N GLN B 401 45.99 -16.86 -15.21
CA GLN B 401 46.80 -16.60 -16.44
C GLN B 401 46.79 -17.74 -17.47
N GLU B 402 47.08 -18.97 -17.02
CA GLU B 402 47.23 -20.11 -17.92
C GLU B 402 45.86 -20.57 -18.39
N ASP B 403 44.88 -20.55 -17.48
CA ASP B 403 43.52 -20.89 -17.87
C ASP B 403 43.11 -19.96 -19.01
N PHE B 404 43.39 -18.66 -18.86
CA PHE B 404 43.07 -17.71 -19.92
C PHE B 404 43.85 -17.98 -21.20
N LEU B 405 45.13 -18.27 -21.13
CA LEU B 405 45.87 -18.54 -22.41
C LEU B 405 45.49 -19.90 -23.05
N THR B 406 45.20 -20.89 -22.21
CA THR B 406 44.78 -22.20 -22.68
C THR B 406 43.37 -22.11 -23.25
N SER B 407 42.43 -21.73 -22.38
CA SER B 407 41.03 -21.83 -22.70
C SER B 407 40.57 -20.76 -23.68
N ILE B 408 41.10 -19.53 -23.62
CA ILE B 408 40.51 -18.41 -24.36
C ILE B 408 41.35 -17.88 -25.50
N LEU B 409 42.66 -17.89 -25.36
CA LEU B 409 43.48 -17.38 -26.47
C LEU B 409 43.04 -17.90 -27.86
N PRO B 410 42.87 -19.24 -28.00
CA PRO B 410 42.60 -19.82 -29.34
C PRO B 410 41.40 -19.26 -30.13
N SER B 411 40.31 -18.92 -29.46
CA SER B 411 39.09 -18.44 -30.12
C SER B 411 39.29 -17.08 -30.80
N LEU B 412 40.39 -16.41 -30.51
CA LEU B 412 40.59 -15.07 -31.03
C LEU B 412 40.96 -15.07 -32.50
N THR B 413 40.65 -13.95 -33.14
CA THR B 413 40.67 -13.80 -34.56
C THR B 413 41.20 -12.39 -34.76
N GLU B 414 41.52 -12.04 -36.01
CA GLU B 414 42.16 -10.78 -36.31
C GLU B 414 41.20 -9.58 -36.36
N ILE B 415 39.91 -9.83 -36.23
CA ILE B 415 38.89 -8.78 -36.18
C ILE B 415 38.48 -8.44 -34.75
N ASP B 416 38.83 -9.31 -33.81
CA ASP B 416 38.51 -9.17 -32.39
C ASP B 416 39.23 -8.02 -31.75
N THR B 417 38.54 -7.32 -30.82
CA THR B 417 39.16 -6.29 -29.98
C THR B 417 39.37 -6.76 -28.55
N VAL B 418 40.58 -6.60 -28.04
CA VAL B 418 40.86 -6.92 -26.64
C VAL B 418 41.31 -5.66 -25.91
N VAL B 419 40.73 -5.41 -24.75
CA VAL B 419 41.01 -4.22 -23.95
C VAL B 419 41.51 -4.70 -22.64
N PHE B 420 42.67 -4.17 -22.23
CA PHE B 420 43.21 -4.51 -20.92
C PHE B 420 43.03 -3.35 -19.99
N ILE B 421 42.61 -3.68 -18.77
CA ILE B 421 42.25 -2.69 -17.80
C ILE B 421 42.95 -3.05 -16.54
N PHE B 422 43.82 -2.15 -16.06
CA PHE B 422 44.68 -2.47 -14.90
C PHE B 422 45.31 -1.19 -14.29
N THR B 423 45.92 -1.37 -13.13
CA THR B 423 46.63 -0.30 -12.40
C THR B 423 48.11 -0.66 -12.38
N LEU B 424 48.99 0.33 -12.27
CA LEU B 424 50.43 0.00 -12.22
C LEU B 424 50.79 -0.68 -10.89
N ASP B 425 49.84 -0.83 -9.96
CA ASP B 425 50.07 -1.59 -8.74
C ASP B 425 49.62 -3.07 -8.83
N ASP B 426 49.25 -3.52 -10.03
CA ASP B 426 48.94 -4.93 -10.25
C ASP B 426 50.21 -5.65 -10.74
N ASN B 427 50.20 -6.97 -10.62
CA ASN B 427 51.08 -7.89 -11.39
C ASN B 427 51.31 -7.46 -12.85
N LEU B 428 52.20 -6.50 -13.13
CA LEU B 428 52.51 -6.13 -14.54
C LEU B 428 53.31 -7.17 -15.33
N THR B 429 53.84 -8.16 -14.63
CA THR B 429 54.48 -9.31 -15.27
C THR B 429 53.37 -10.09 -15.99
N GLU B 430 52.47 -10.68 -15.19
CA GLU B 430 51.19 -11.31 -15.64
C GLU B 430 50.51 -10.58 -16.81
N VAL B 431 50.42 -9.25 -16.73
CA VAL B 431 49.77 -8.46 -17.79
C VAL B 431 50.52 -8.55 -19.09
N GLN B 432 51.79 -8.19 -19.07
CA GLN B 432 52.55 -8.25 -20.31
C GLN B 432 52.61 -9.67 -20.91
N THR B 433 52.75 -10.70 -20.10
CA THR B 433 52.67 -12.06 -20.63
C THR B 433 51.44 -12.16 -21.55
N ILE B 434 50.28 -11.92 -20.94
CA ILE B 434 48.98 -12.19 -21.56
C ILE B 434 48.80 -11.36 -22.80
N VAL B 435 49.21 -10.11 -22.77
CA VAL B 435 49.03 -9.26 -23.93
C VAL B 435 50.02 -9.65 -24.99
N GLU B 436 51.16 -10.18 -24.55
CA GLU B 436 52.20 -10.66 -25.47
C GLU B 436 51.53 -11.68 -26.38
N GLN B 437 51.04 -12.76 -25.77
CA GLN B 437 50.43 -13.82 -26.56
C GLN B 437 49.16 -13.31 -27.34
N VAL B 438 48.23 -12.64 -26.65
CA VAL B 438 47.03 -12.07 -27.30
C VAL B 438 47.37 -11.32 -28.59
N LYS B 439 48.42 -10.54 -28.54
CA LYS B 439 48.80 -9.66 -29.65
C LYS B 439 49.13 -10.41 -30.94
N GLU B 440 49.55 -11.67 -30.83
CA GLU B 440 49.85 -12.47 -32.02
C GLU B 440 48.60 -12.77 -32.87
N LYS B 441 47.44 -12.83 -32.22
CA LYS B 441 46.16 -13.18 -32.86
C LYS B 441 45.41 -11.95 -33.43
N THR B 442 45.72 -10.76 -32.93
CA THR B 442 44.98 -9.57 -33.34
C THR B 442 45.76 -8.29 -33.08
N ASN B 443 45.63 -7.32 -33.97
CA ASN B 443 46.26 -6.01 -33.73
C ASN B 443 45.41 -5.08 -32.90
N HIS B 444 44.10 -5.37 -32.81
CA HIS B 444 43.12 -4.44 -32.22
C HIS B 444 43.10 -4.56 -30.70
N ILE B 445 44.19 -4.07 -30.10
CA ILE B 445 44.34 -4.02 -28.67
C ILE B 445 44.48 -2.55 -28.29
N GLN B 446 44.11 -2.25 -27.06
CA GLN B 446 44.04 -0.87 -26.58
C GLN B 446 44.06 -1.14 -25.07
N ALA B 447 44.54 -0.22 -24.24
CA ALA B 447 44.65 -0.51 -22.80
C ALA B 447 44.14 0.65 -21.99
N LEU B 448 43.85 0.41 -20.73
CA LEU B 448 43.25 1.42 -19.87
C LEU B 448 43.91 1.31 -18.56
N ALA B 449 44.84 2.21 -18.32
CA ALA B 449 45.81 1.99 -17.24
C ALA B 449 45.82 3.14 -16.25
N HIS B 450 45.52 2.86 -14.99
CA HIS B 450 45.49 3.86 -13.95
C HIS B 450 46.81 3.89 -13.19
N SER B 451 47.29 5.10 -12.86
CA SER B 451 48.60 5.31 -12.22
C SER B 451 48.47 6.45 -11.23
N THR B 452 49.30 6.44 -10.19
CA THR B 452 49.52 7.67 -9.41
C THR B 452 50.59 8.42 -10.21
N VAL B 453 50.50 9.74 -10.37
CA VAL B 453 51.58 10.54 -11.05
C VAL B 453 52.93 10.30 -10.34
N GLY B 454 53.94 9.92 -11.13
CA GLY B 454 55.22 9.46 -10.58
C GLY B 454 55.46 7.97 -10.72
N GLN B 455 54.47 7.23 -11.22
CA GLN B 455 54.68 5.82 -11.58
C GLN B 455 54.99 5.76 -13.08
N THR B 456 55.61 4.68 -13.54
CA THR B 456 56.15 4.65 -14.92
C THR B 456 55.76 3.37 -15.68
N LEU B 457 55.42 3.50 -16.95
CA LEU B 457 54.96 2.34 -17.69
C LEU B 457 56.13 1.57 -18.34
N PRO B 458 56.45 0.35 -17.83
CA PRO B 458 57.44 -0.52 -18.47
C PRO B 458 57.38 -0.49 -19.97
N ILE B 459 58.54 -0.28 -20.60
CA ILE B 459 58.75 -0.59 -22.02
C ILE B 459 58.36 -2.06 -22.28
N PRO B 460 57.67 -2.32 -23.41
CA PRO B 460 56.67 -3.38 -23.53
C PRO B 460 56.38 -3.91 -22.12
N LEU B 461 55.39 -3.32 -21.44
CA LEU B 461 54.11 -2.83 -22.01
C LEU B 461 54.04 -1.68 -23.01
N LYS B 462 54.86 -0.66 -22.87
CA LYS B 462 54.63 0.55 -23.61
C LYS B 462 54.74 0.37 -25.13
N LYS B 463 55.59 -0.57 -25.60
CA LYS B 463 55.71 -0.84 -27.07
C LYS B 463 54.41 -1.42 -27.57
N LEU B 464 53.91 -2.39 -26.80
CA LEU B 464 52.64 -3.05 -27.11
C LEU B 464 51.46 -2.06 -27.22
N PHE B 465 51.41 -1.03 -26.36
CA PHE B 465 50.35 0.01 -26.43
C PHE B 465 50.84 1.41 -26.82
N PRO B 466 51.09 1.66 -28.12
CA PRO B 466 51.68 2.96 -28.55
C PRO B 466 50.80 4.22 -28.27
N SER B 467 49.53 4.03 -27.89
CA SER B 467 48.61 5.14 -27.55
C SER B 467 47.62 4.70 -26.46
N ILE B 468 48.15 3.94 -25.51
CA ILE B 468 47.47 3.50 -24.28
C ILE B 468 46.60 4.60 -23.66
N ILE B 469 45.52 4.20 -23.00
CA ILE B 469 44.62 5.15 -22.34
C ILE B 469 45.05 5.26 -20.91
N SER B 470 45.87 6.26 -20.68
CA SER B 470 46.52 6.40 -19.42
C SER B 470 45.71 7.39 -18.62
N ILE B 471 45.25 6.96 -17.47
CA ILE B 471 44.62 7.83 -16.52
C ILE B 471 45.62 7.89 -15.40
N THR B 472 46.24 9.05 -15.29
CA THR B 472 47.23 9.32 -14.23
C THR B 472 46.54 10.21 -13.17
N TRP B 473 46.64 9.82 -11.92
CA TRP B 473 45.92 10.43 -10.80
C TRP B 473 46.86 11.19 -9.86
N PRO B 474 46.59 12.49 -9.63
CA PRO B 474 47.34 13.21 -8.63
C PRO B 474 47.47 12.49 -7.27
N LEU B 475 48.59 12.73 -6.58
CA LEU B 475 48.79 12.31 -5.19
C LEU B 475 47.74 13.04 -4.33
N LEU B 476 47.41 12.47 -3.18
CA LEU B 476 46.25 12.86 -2.39
C LEU B 476 46.32 12.10 -1.08
N PHE B 477 46.28 12.82 0.03
CA PHE B 477 46.36 12.17 1.33
C PHE B 477 45.24 11.12 1.43
N PHE B 478 45.56 9.99 2.04
CA PHE B 478 44.56 8.96 2.36
C PHE B 478 44.73 8.43 3.79
N GLU B 479 43.62 8.25 4.49
CA GLU B 479 43.69 7.91 5.91
C GLU B 479 43.94 6.42 6.14
N TYR B 480 43.32 5.56 5.35
CA TYR B 480 43.40 4.12 5.57
C TYR B 480 44.35 3.44 4.57
N GLU B 481 45.03 2.35 5.00
CA GLU B 481 46.12 1.72 4.20
C GLU B 481 45.62 1.29 2.79
N GLY B 482 44.42 0.72 2.74
CA GLY B 482 43.84 0.31 1.44
C GLY B 482 43.64 1.39 0.40
N ASN B 483 43.76 2.69 0.77
CA ASN B 483 43.60 3.82 -0.18
C ASN B 483 42.26 3.63 -1.00
N PHE B 484 41.19 3.66 -0.24
CA PHE B 484 39.85 3.41 -0.72
C PHE B 484 39.38 4.53 -1.64
N ILE B 485 39.69 5.76 -1.27
CA ILE B 485 39.44 6.90 -2.13
C ILE B 485 40.09 6.74 -3.50
N GLN B 486 41.21 6.04 -3.58
CA GLN B 486 41.85 5.79 -4.90
C GLN B 486 41.09 4.70 -5.66
N LYS B 487 40.65 3.71 -4.91
CA LYS B 487 39.93 2.57 -5.45
C LYS B 487 38.66 3.14 -6.06
N PHE B 488 37.95 3.95 -5.30
CA PHE B 488 36.64 4.49 -5.73
C PHE B 488 36.77 5.34 -6.95
N GLN B 489 37.76 6.21 -6.97
CA GLN B 489 38.04 6.99 -8.19
C GLN B 489 38.30 6.11 -9.36
N ARG B 490 39.10 5.07 -9.15
CA ARG B 490 39.50 4.17 -10.27
C ARG B 490 38.36 3.29 -10.79
N GLU B 491 37.56 2.75 -9.88
CA GLU B 491 36.33 2.02 -10.22
C GLU B 491 35.42 2.92 -11.06
N LEU B 492 35.17 4.12 -10.55
CA LEU B 492 34.23 5.04 -11.20
C LEU B 492 34.70 5.40 -12.60
N SER B 493 36.00 5.71 -12.70
CA SER B 493 36.59 6.10 -13.98
C SER B 493 36.46 4.98 -15.03
N THR B 494 36.77 3.77 -14.57
CA THR B 494 36.64 2.58 -15.45
C THR B 494 35.16 2.38 -15.87
N LYS B 495 34.25 2.50 -14.90
CA LYS B 495 32.81 2.39 -15.23
C LYS B 495 32.43 3.35 -16.34
N TRP B 496 32.80 4.63 -16.16
CA TRP B 496 32.47 5.64 -17.18
C TRP B 496 33.04 5.27 -18.54
N VAL B 497 34.27 4.82 -18.56
CA VAL B 497 34.91 4.55 -19.86
C VAL B 497 34.24 3.40 -20.59
N LEU B 498 34.13 2.26 -19.93
CA LEU B 498 33.39 1.07 -20.42
C LEU B 498 31.89 1.34 -20.77
N ASN B 499 31.14 1.93 -19.84
CA ASN B 499 29.76 2.34 -20.21
C ASN B 499 29.72 3.14 -21.56
N THR B 500 30.56 4.18 -21.66
CA THR B 500 30.56 5.01 -22.85
C THR B 500 30.92 4.19 -24.07
N VAL B 501 31.93 3.35 -23.91
CA VAL B 501 32.39 2.53 -25.04
C VAL B 501 31.37 1.48 -25.48
N SER B 502 30.85 0.71 -24.54
CA SER B 502 29.83 -0.30 -24.89
C SER B 502 28.60 0.35 -25.52
N THR B 503 28.08 1.39 -24.88
CA THR B 503 26.92 2.12 -25.33
C THR B 503 27.17 2.75 -26.69
N GLY B 504 28.26 3.51 -26.84
CA GLY B 504 28.57 4.13 -28.14
C GLY B 504 28.84 3.15 -29.29
N ALA B 505 29.43 2.01 -28.98
CA ALA B 505 29.76 1.05 -30.04
C ALA B 505 28.44 0.48 -30.62
N HIS B 506 27.47 0.25 -29.76
CA HIS B 506 26.13 -0.19 -30.22
C HIS B 506 25.33 0.88 -30.92
N VAL B 507 25.47 2.12 -30.50
CA VAL B 507 24.84 3.24 -31.17
C VAL B 507 25.40 3.42 -32.56
N LEU B 508 26.72 3.29 -32.71
CA LEU B 508 27.31 3.46 -34.05
C LEU B 508 26.81 2.38 -35.02
N LEU B 509 26.41 1.24 -34.48
CA LEU B 509 25.84 0.17 -35.33
C LEU B 509 24.39 0.40 -35.73
N GLY B 510 23.76 1.48 -35.28
CA GLY B 510 22.38 1.75 -35.68
C GLY B 510 21.32 1.07 -34.79
N LYS B 511 21.73 0.55 -33.63
CA LYS B 511 20.79 -0.17 -32.73
C LYS B 511 19.86 0.73 -31.97
N ILE B 512 20.10 2.02 -32.01
CA ILE B 512 19.40 2.94 -31.12
C ILE B 512 18.64 3.88 -32.00
N LEU B 513 17.39 4.13 -31.61
CA LEU B 513 16.48 4.96 -32.39
C LEU B 513 16.31 6.33 -31.69
N GLN B 514 16.91 7.40 -32.25
CA GLN B 514 17.10 8.67 -31.54
C GLN B 514 17.99 8.50 -30.27
N ASN B 515 17.39 8.47 -29.08
CA ASN B 515 18.07 8.05 -27.85
C ASN B 515 17.25 7.02 -27.12
N HIS B 516 16.53 6.20 -27.88
CA HIS B 516 15.74 5.12 -27.29
C HIS B 516 16.22 3.83 -27.82
N MET B 517 16.26 2.83 -26.96
CA MET B 517 16.46 1.48 -27.41
C MET B 517 15.08 0.86 -27.66
N LEU B 518 14.63 0.86 -28.91
CA LEU B 518 13.30 0.35 -29.22
C LEU B 518 13.18 -1.18 -29.05
N ASP B 519 14.11 -1.88 -29.63
CA ASP B 519 14.05 -3.32 -29.71
C ASP B 519 14.63 -4.02 -28.48
N LEU B 520 14.02 -3.80 -27.32
CA LEU B 520 14.43 -4.46 -26.09
C LEU B 520 13.55 -5.66 -25.78
N ARG B 521 14.08 -6.54 -24.93
CA ARG B 521 13.41 -7.75 -24.55
C ARG B 521 12.55 -7.41 -23.36
N ILE B 522 11.24 -7.67 -23.42
CA ILE B 522 10.39 -7.30 -22.30
C ILE B 522 10.58 -8.32 -21.22
N SER B 523 11.36 -7.97 -20.19
CA SER B 523 11.71 -8.98 -19.20
C SER B 523 11.28 -8.67 -17.78
N ASN B 524 10.65 -7.52 -17.56
CA ASN B 524 10.02 -7.25 -16.29
C ASN B 524 8.96 -6.16 -16.52
N SER B 525 8.26 -5.78 -15.47
CA SER B 525 7.14 -4.88 -15.65
C SER B 525 7.58 -3.54 -16.17
N LYS B 526 8.68 -3.04 -15.63
CA LYS B 526 9.19 -1.74 -16.03
C LYS B 526 9.51 -1.68 -17.51
N LEU B 527 10.06 -2.77 -18.06
CA LEU B 527 10.40 -2.84 -19.48
C LEU B 527 9.16 -2.99 -20.34
N PHE B 528 8.13 -3.60 -19.76
CA PHE B 528 6.82 -3.67 -20.38
C PHE B 528 6.21 -2.25 -20.54
N TRP B 529 6.19 -1.47 -19.46
CA TRP B 529 5.74 -0.10 -19.55
C TRP B 529 6.58 0.78 -20.48
N ARG B 530 7.89 0.53 -20.54
CA ARG B 530 8.75 1.28 -21.40
C ARG B 530 8.43 0.87 -22.84
N ALA B 531 8.20 -0.42 -23.10
CA ALA B 531 7.77 -0.76 -24.45
C ALA B 531 6.53 0.03 -24.81
N LEU B 532 5.53 0.01 -23.95
CA LEU B 532 4.29 0.73 -24.29
C LEU B 532 4.55 2.23 -24.47
N ALA B 533 5.35 2.84 -23.60
CA ALA B 533 5.70 4.24 -23.77
C ALA B 533 6.36 4.53 -25.12
N MET B 534 7.11 3.58 -25.64
CA MET B 534 7.77 3.80 -26.93
C MET B 534 6.78 3.69 -28.04
N LEU B 535 5.85 2.77 -27.96
CA LEU B 535 4.84 2.66 -28.99
C LEU B 535 4.06 3.97 -29.11
N GLN B 536 3.60 4.47 -27.98
CA GLN B 536 2.99 5.78 -27.94
C GLN B 536 3.85 6.87 -28.60
N ARG B 537 5.08 7.04 -28.16
CA ARG B 537 5.88 8.15 -28.66
C ARG B 537 6.11 8.10 -30.16
N PHE B 538 6.43 6.91 -30.66
CA PHE B 538 6.75 6.73 -32.08
C PHE B 538 5.55 6.53 -32.98
N SER B 539 4.45 5.98 -32.47
CA SER B 539 3.22 5.80 -33.28
C SER B 539 2.37 7.04 -33.19
N GLY B 540 2.22 7.54 -31.97
CA GLY B 540 1.49 8.77 -31.72
C GLY B 540 0.02 8.48 -31.58
N GLN B 541 -0.32 7.19 -31.59
CA GLN B 541 -1.67 6.70 -31.43
C GLN B 541 -2.07 6.51 -29.97
N SER B 542 -3.35 6.30 -29.73
CA SER B 542 -3.86 6.24 -28.37
C SER B 542 -3.22 5.09 -27.60
N LYS B 543 -3.41 5.08 -26.29
CA LYS B 543 -2.87 4.01 -25.51
C LYS B 543 -3.57 2.71 -25.74
N ALA B 544 -4.87 2.76 -26.08
CA ALA B 544 -5.62 1.54 -26.26
C ALA B 544 -5.17 0.80 -27.51
N ARG B 545 -4.92 1.52 -28.59
CA ARG B 545 -4.41 0.90 -29.80
C ARG B 545 -2.97 0.41 -29.60
N CYS B 546 -2.18 1.17 -28.85
CA CYS B 546 -0.79 0.81 -28.53
C CYS B 546 -0.72 -0.42 -27.63
N ILE B 547 -1.60 -0.47 -26.62
CA ILE B 547 -1.68 -1.63 -25.77
C ILE B 547 -2.07 -2.85 -26.60
N GLU B 548 -3.10 -2.71 -27.43
CA GLU B 548 -3.61 -3.86 -28.20
C GLU B 548 -2.58 -4.37 -29.17
N SER B 549 -1.88 -3.47 -29.85
CA SER B 549 -0.80 -3.94 -30.68
C SER B 549 0.25 -4.68 -29.87
N LEU B 550 0.55 -4.23 -28.66
CA LEU B 550 1.63 -4.81 -27.88
C LEU B 550 1.26 -6.20 -27.47
N LEU B 551 0.06 -6.32 -26.90
CA LEU B 551 -0.34 -7.62 -26.39
C LEU B 551 -0.54 -8.62 -27.51
N ARG B 552 -0.93 -8.14 -28.69
CA ARG B 552 -1.14 -9.01 -29.85
C ARG B 552 0.20 -9.54 -30.32
N ALA B 553 1.21 -8.64 -30.46
CA ALA B 553 2.59 -8.99 -30.81
C ALA B 553 3.15 -9.98 -29.79
N ILE B 554 2.88 -9.76 -28.51
CA ILE B 554 3.43 -10.63 -27.48
C ILE B 554 2.81 -12.01 -27.65
N HIS B 555 1.51 -12.05 -27.62
CA HIS B 555 0.84 -13.34 -27.51
C HIS B 555 0.55 -14.13 -28.80
N PHE B 556 0.92 -13.55 -29.95
CA PHE B 556 0.76 -14.18 -31.24
C PHE B 556 1.40 -15.55 -31.18
N PRO B 557 0.77 -16.58 -31.77
CA PRO B 557 -0.49 -16.68 -32.51
C PRO B 557 -1.80 -16.64 -31.72
N GLN B 558 -1.77 -16.50 -30.40
CA GLN B 558 -2.99 -16.45 -29.64
C GLN B 558 -3.72 -15.14 -29.93
N PRO B 559 -5.06 -15.19 -30.12
CA PRO B 559 -5.84 -13.92 -30.22
C PRO B 559 -5.96 -13.27 -28.84
N LEU B 560 -6.23 -11.98 -28.82
CA LEU B 560 -6.54 -11.28 -27.60
C LEU B 560 -7.85 -11.76 -27.02
N SER B 561 -7.81 -12.50 -25.92
CA SER B 561 -9.04 -12.83 -25.20
C SER B 561 -9.28 -11.83 -24.09
N ASP B 562 -10.39 -11.98 -23.40
CA ASP B 562 -10.70 -11.12 -22.26
C ASP B 562 -9.67 -11.42 -21.15
N ASP B 563 -9.29 -12.69 -21.04
CA ASP B 563 -8.42 -13.15 -19.97
C ASP B 563 -7.02 -12.57 -20.17
N ILE B 564 -6.58 -12.56 -21.42
CA ILE B 564 -5.31 -11.99 -21.75
C ILE B 564 -5.34 -10.49 -21.45
N ARG B 565 -6.41 -9.80 -21.83
CA ARG B 565 -6.42 -8.36 -21.61
C ARG B 565 -6.34 -7.98 -20.12
N ALA B 566 -6.91 -8.82 -19.26
CA ALA B 566 -7.07 -8.51 -17.84
C ALA B 566 -6.01 -9.20 -16.98
N ALA B 567 -5.12 -9.92 -17.62
CA ALA B 567 -4.10 -10.67 -16.94
C ALA B 567 -3.08 -9.72 -16.30
N PRO B 568 -2.44 -10.19 -15.23
CA PRO B 568 -1.38 -9.39 -14.62
C PRO B 568 -0.19 -9.22 -15.56
N ILE B 569 0.48 -8.09 -15.49
CA ILE B 569 1.66 -7.83 -16.31
C ILE B 569 2.65 -8.97 -16.38
N SER B 570 2.91 -9.62 -15.25
CA SER B 570 3.84 -10.76 -15.29
C SER B 570 3.50 -11.79 -16.33
N CYS B 571 2.19 -11.97 -16.58
CA CYS B 571 1.76 -12.90 -17.64
C CYS B 571 2.28 -12.44 -19.00
N HIS B 572 2.23 -11.14 -19.31
CA HIS B 572 2.77 -10.69 -20.60
C HIS B 572 4.26 -10.76 -20.62
N VAL B 573 4.88 -10.39 -19.50
CA VAL B 573 6.34 -10.49 -19.41
C VAL B 573 6.87 -11.92 -19.67
N GLN B 574 6.27 -12.91 -19.00
CA GLN B 574 6.68 -14.30 -19.17
C GLN B 574 6.66 -14.71 -20.64
N VAL B 575 5.62 -14.30 -21.37
CA VAL B 575 5.55 -14.69 -22.75
C VAL B 575 6.51 -13.86 -23.64
N ALA B 576 6.53 -12.54 -23.47
CA ALA B 576 7.41 -11.67 -24.27
C ALA B 576 8.89 -11.91 -24.10
N HIS B 577 9.30 -12.29 -22.91
CA HIS B 577 10.70 -12.57 -22.64
C HIS B 577 11.33 -13.61 -23.60
N GLU B 578 10.52 -14.56 -24.08
CA GLU B 578 11.01 -15.64 -24.94
C GLU B 578 11.01 -15.28 -26.40
N LYS B 579 10.50 -14.13 -26.77
CA LYS B 579 10.35 -13.81 -28.19
C LYS B 579 11.36 -12.81 -28.67
N GLU B 580 11.42 -12.70 -29.98
CA GLU B 580 12.23 -11.69 -30.67
C GLU B 580 11.40 -10.61 -31.41
N GLN B 581 11.97 -9.40 -31.44
CA GLN B 581 11.42 -8.26 -32.12
C GLN B 581 9.96 -7.96 -31.75
N VAL B 582 9.58 -8.25 -30.53
CA VAL B 582 8.25 -7.97 -30.08
C VAL B 582 7.83 -6.51 -30.32
N ILE B 583 8.68 -5.57 -30.00
CA ILE B 583 8.24 -4.19 -30.02
C ILE B 583 8.25 -3.61 -31.41
N PRO B 584 9.27 -3.95 -32.19
CA PRO B 584 9.25 -3.49 -33.58
C PRO B 584 8.07 -4.11 -34.41
N ILE B 585 7.74 -5.36 -34.20
CA ILE B 585 6.53 -5.90 -34.80
C ILE B 585 5.28 -5.15 -34.37
N ALA B 586 5.12 -4.93 -33.08
CA ALA B 586 3.99 -4.16 -32.58
C ALA B 586 3.92 -2.76 -33.16
N LEU B 587 5.09 -2.11 -33.41
CA LEU B 587 5.10 -0.75 -33.98
C LEU B 587 4.79 -0.75 -35.48
N LEU B 588 5.24 -1.76 -36.20
CA LEU B 588 4.93 -1.85 -37.60
C LEU B 588 3.42 -2.08 -37.77
N SER B 589 2.84 -2.90 -36.89
CA SER B 589 1.39 -3.12 -36.90
C SER B 589 0.61 -1.83 -36.77
N LEU B 590 1.05 -0.97 -35.85
CA LEU B 590 0.43 0.32 -35.64
C LEU B 590 0.62 1.25 -36.82
N LEU B 591 1.88 1.46 -37.19
CA LEU B 591 2.20 2.40 -38.27
C LEU B 591 1.52 2.01 -39.59
N PHE B 592 1.49 0.74 -39.93
CA PHE B 592 0.80 0.27 -41.15
C PHE B 592 -0.69 -0.02 -41.00
N ARG B 593 -1.22 0.05 -39.77
CA ARG B 593 -2.63 -0.25 -39.54
C ARG B 593 -2.90 -1.63 -40.02
N CYS B 594 -1.98 -2.53 -39.75
CA CYS B 594 -2.01 -3.85 -40.33
C CYS B 594 -2.00 -4.85 -39.20
N SER B 595 -2.09 -6.13 -39.54
CA SER B 595 -2.14 -7.20 -38.53
C SER B 595 -0.75 -7.73 -38.21
N ILE B 596 -0.63 -8.43 -37.11
CA ILE B 596 0.64 -9.01 -36.72
C ILE B 596 1.13 -9.90 -37.87
N THR B 597 0.23 -10.69 -38.45
CA THR B 597 0.58 -11.57 -39.54
C THR B 597 1.24 -10.75 -40.66
N GLU B 598 0.68 -9.57 -40.90
CA GLU B 598 1.25 -8.71 -41.92
C GLU B 598 2.52 -7.96 -41.50
N ALA B 599 2.68 -7.66 -40.21
CA ALA B 599 3.88 -6.94 -39.75
C ALA B 599 5.05 -7.97 -39.69
N GLN B 600 4.78 -9.20 -39.26
CA GLN B 600 5.81 -10.24 -39.26
C GLN B 600 6.42 -10.42 -40.61
N ALA B 601 5.58 -10.67 -41.60
CA ALA B 601 6.04 -10.84 -43.00
C ALA B 601 6.74 -9.59 -43.58
N HIS B 602 6.29 -8.41 -43.19
CA HIS B 602 6.93 -7.16 -43.66
C HIS B 602 8.35 -7.09 -43.09
N LEU B 603 8.47 -7.32 -41.78
CA LEU B 603 9.76 -7.37 -41.11
C LEU B 603 10.70 -8.41 -41.73
N ALA B 604 10.25 -9.63 -41.89
CA ALA B 604 11.12 -10.69 -42.42
C ALA B 604 11.52 -10.47 -43.87
N ALA B 605 10.85 -9.57 -44.60
CA ALA B 605 11.23 -9.28 -46.00
C ALA B 605 12.16 -8.06 -46.19
N ALA B 606 12.35 -7.27 -45.13
CA ALA B 606 13.23 -6.10 -45.21
C ALA B 606 14.65 -6.46 -44.76
N PRO B 607 15.66 -5.64 -45.12
CA PRO B 607 17.04 -6.04 -44.83
C PRO B 607 17.38 -6.20 -43.33
N SER B 608 16.85 -5.30 -42.48
CA SER B 608 17.11 -5.36 -41.03
C SER B 608 15.94 -4.77 -40.24
N VAL B 609 15.85 -5.14 -38.96
CA VAL B 609 14.93 -4.51 -38.03
C VAL B 609 15.01 -2.99 -38.10
N CYS B 610 16.22 -2.44 -37.98
CA CYS B 610 16.46 -0.99 -38.01
C CYS B 610 15.93 -0.33 -39.27
N GLU B 611 16.25 -0.95 -40.41
CA GLU B 611 15.86 -0.38 -41.66
C GLU B 611 14.34 -0.48 -41.86
N ALA B 612 13.74 -1.60 -41.48
CA ALA B 612 12.28 -1.72 -41.58
C ALA B 612 11.60 -0.67 -40.70
N VAL B 613 12.08 -0.50 -39.46
CA VAL B 613 11.47 0.46 -38.53
C VAL B 613 11.62 1.88 -38.98
N ARG B 614 12.84 2.24 -39.37
CA ARG B 614 13.14 3.61 -39.77
C ARG B 614 12.40 4.03 -41.06
N SER B 615 12.33 3.13 -42.04
CA SER B 615 11.64 3.45 -43.29
C SER B 615 10.14 3.46 -43.04
N ALA B 616 9.67 2.64 -42.11
CA ALA B 616 8.25 2.73 -41.74
C ALA B 616 7.94 4.08 -41.06
N LEU B 617 8.88 4.65 -40.32
CA LEU B 617 8.63 5.95 -39.69
C LEU B 617 8.65 7.13 -40.64
N ALA B 618 9.10 6.96 -41.89
CA ALA B 618 9.42 8.12 -42.77
C ALA B 618 8.38 8.36 -43.85
#